data_3OZW
#
_entry.id   3OZW
#
_cell.length_a   87.120
_cell.length_b   87.120
_cell.length_c   292.160
_cell.angle_alpha   90.00
_cell.angle_beta   90.00
_cell.angle_gamma   90.00
#
_symmetry.space_group_name_H-M   'P 43 21 2'
#
loop_
_entity.id
_entity.type
_entity.pdbx_description
1 polymer Flavohemoglobin
2 non-polymer 'PROTOPORPHYRIN IX CONTAINING FE'
3 non-polymer 'FLAVIN-ADENINE DINUCLEOTIDE'
4 non-polymer 1-acetyl-4-(4-{[(2R,4S)-2-(2,4-dichlorophenyl)-2-(1H-imidazol-1-ylmethyl)-1,3-dioxolan-4-yl]methoxy}phenyl)piperazine
5 non-polymer 1-[GLYCEROLYLPHOSPHONYL]-2-[8-(2-HEXYL-CYCLOPROPYL)-OCTANAL-1-YL]-3-[HEXADECANAL-1-YL]-GLYCEROL
6 non-polymer 'PHOSPHATE ION'
7 water water
#
_entity_poly.entity_id   1
_entity_poly.type   'polypeptide(L)'
_entity_poly.pdbx_seq_one_letter_code
;MLTQKTKDIVKATAPVLAEHGYDIIKCFYQRMFEAHPELKNVFNMAHQEQGQQQQALARAVYAYAENIEDPNSLMAVLKN
IANKHASLGVKPEQYPIVGEHLLAAIKEVLGNAATDDIISAWAQAYGNLADVLMGMESELYERSAEQPGGWKGWRTFVIR
EKRPESDVITSFILEPADGGPVVNFEPGQYTSVAIDVPALGLQQIRQYSLSDMPNGRSYRISVKREGGGPQPPGYVSNLL
HDHVNVGDQVKLAAPYGSFHIDVDAKTPIVLISGGVGLTPMVSMLKVALQAPPRQVVFVHGARNSAVHAMRDRLREAAKT
YENLDLFVFYDQPLPEDVQGRDYDYPGLVDVKQIEKSILLPDADYYICGPIPFMRMQHDALKNLGIHEARIHYEVFGPDL
FAE
;
_entity_poly.pdbx_strand_id   A,B
#
# COMPACT_ATOMS: atom_id res chain seq x y z
N MET A 1 11.63 -1.12 44.21
CA MET A 1 11.10 0.27 43.95
C MET A 1 12.23 1.30 43.72
N LEU A 2 12.07 2.18 42.73
CA LEU A 2 13.16 3.04 42.27
C LEU A 2 13.40 4.32 43.07
N THR A 3 14.66 4.55 43.41
CA THR A 3 15.06 5.76 44.10
C THR A 3 15.04 6.90 43.08
N GLN A 4 15.01 8.12 43.58
CA GLN A 4 15.09 9.27 42.68
C GLN A 4 16.29 9.17 41.73
N LYS A 5 17.45 8.76 42.24
CA LYS A 5 18.67 8.75 41.47
C LYS A 5 18.63 7.71 40.36
N THR A 6 17.99 6.59 40.66
CA THR A 6 17.81 5.58 39.66
C THR A 6 16.88 6.12 38.53
N LYS A 7 15.74 6.72 38.87
CA LYS A 7 14.86 7.27 37.83
C LYS A 7 15.63 8.32 37.00
N ASP A 8 16.47 9.10 37.66
CA ASP A 8 17.28 10.07 36.94
C ASP A 8 18.28 9.52 35.92
N ILE A 9 18.84 8.36 36.21
CA ILE A 9 19.73 7.70 35.26
C ILE A 9 18.92 7.15 34.10
N VAL A 10 17.73 6.63 34.40
CA VAL A 10 16.82 6.15 33.37
C VAL A 10 16.47 7.32 32.45
N LYS A 11 16.09 8.44 33.04
CA LYS A 11 15.71 9.59 32.23
C LYS A 11 16.87 10.05 31.38
N ALA A 12 18.07 10.07 31.96
CA ALA A 12 19.23 10.54 31.20
C ALA A 12 19.76 9.58 30.12
N THR A 13 19.57 8.27 30.27
CA THR A 13 20.11 7.29 29.34
C THR A 13 19.12 6.63 28.38
N ALA A 14 17.81 6.91 28.54
CA ALA A 14 16.83 6.38 27.58
C ALA A 14 17.31 6.61 26.15
N PRO A 15 17.73 7.83 25.82
CA PRO A 15 18.16 8.17 24.45
C PRO A 15 19.27 7.25 23.95
N VAL A 16 20.11 6.80 24.84
CA VAL A 16 21.23 5.94 24.51
C VAL A 16 20.78 4.53 24.13
N LEU A 17 19.83 3.99 24.88
CA LEU A 17 19.17 2.75 24.51
C LEU A 17 18.41 2.90 23.21
N ALA A 18 17.66 3.99 23.06
CA ALA A 18 16.84 4.16 21.89
C ALA A 18 17.74 4.20 20.68
N GLU A 19 18.86 4.93 20.77
CA GLU A 19 19.78 5.10 19.62
C GLU A 19 20.43 3.80 19.22
N HIS A 20 20.65 2.95 20.20
CA HIS A 20 21.20 1.63 19.93
C HIS A 20 20.16 0.52 19.88
N GLY A 21 18.89 0.89 19.79
CA GLY A 21 17.84 -0.10 19.79
C GLY A 21 18.02 -1.20 18.75
N TYR A 22 18.38 -0.85 17.53
CA TYR A 22 18.56 -1.88 16.50
C TYR A 22 19.51 -3.01 16.96
N ASP A 23 20.71 -2.65 17.38
CA ASP A 23 21.69 -3.64 17.79
C ASP A 23 21.28 -4.37 19.03
N ILE A 24 20.68 -3.67 19.98
CA ILE A 24 20.22 -4.31 21.21
C ILE A 24 19.13 -5.33 20.89
N ILE A 25 18.22 -4.98 19.98
CA ILE A 25 17.18 -5.94 19.63
C ILE A 25 17.74 -7.17 18.92
N LYS A 26 18.59 -6.93 17.92
CA LYS A 26 19.25 -8.04 17.26
C LYS A 26 20.03 -8.95 18.27
N CYS A 27 20.75 -8.35 19.21
CA CYS A 27 21.61 -9.13 20.12
C CYS A 27 20.73 -9.84 21.17
N PHE A 28 19.70 -9.16 21.61
CA PHE A 28 18.77 -9.71 22.57
C PHE A 28 18.12 -11.00 22.07
N TYR A 29 17.52 -10.98 20.87
CA TYR A 29 16.92 -12.18 20.30
C TYR A 29 17.96 -13.27 19.99
N GLN A 30 19.14 -12.90 19.51
CA GLN A 30 20.17 -13.88 19.27
C GLN A 30 20.53 -14.64 20.56
N ARG A 31 20.85 -13.91 21.63
CA ARG A 31 21.17 -14.51 22.94
C ARG A 31 19.97 -15.29 23.44
N MET A 32 18.81 -14.66 23.44
CA MET A 32 17.69 -15.34 24.05
C MET A 32 17.34 -16.63 23.34
N PHE A 33 17.30 -16.60 21.99
CA PHE A 33 16.90 -17.79 21.25
C PHE A 33 17.99 -18.84 21.27
N GLU A 34 19.25 -18.45 21.51
CA GLU A 34 20.34 -19.43 21.55
C GLU A 34 20.14 -20.29 22.81
N ALA A 35 19.77 -19.62 23.90
CA ALA A 35 19.59 -20.26 25.20
C ALA A 35 18.22 -20.93 25.28
N HIS A 36 17.18 -20.31 24.72
CA HIS A 36 15.83 -20.86 24.80
C HIS A 36 15.13 -20.87 23.45
N PRO A 37 15.56 -21.75 22.55
CA PRO A 37 14.98 -21.69 21.21
C PRO A 37 13.49 -21.90 21.21
N GLU A 38 12.95 -22.44 22.30
CA GLU A 38 11.53 -22.78 22.33
C GLU A 38 10.65 -21.53 22.34
N LEU A 39 11.23 -20.41 22.76
CA LEU A 39 10.53 -19.14 22.75
C LEU A 39 10.20 -18.64 21.35
N LYS A 40 10.80 -19.20 20.33
CA LYS A 40 10.48 -18.81 18.96
C LYS A 40 9.06 -19.23 18.63
N ASN A 41 8.46 -20.03 19.50
CA ASN A 41 7.08 -20.46 19.29
C ASN A 41 6.10 -19.38 19.84
N VAL A 42 6.63 -18.40 20.54
CA VAL A 42 5.81 -17.39 21.22
C VAL A 42 5.98 -16.03 20.52
N PHE A 43 7.21 -15.71 20.11
CA PHE A 43 7.52 -14.50 19.31
C PHE A 43 7.15 -14.62 17.85
N ASN A 44 6.93 -13.47 17.20
CA ASN A 44 6.60 -13.45 15.77
C ASN A 44 7.90 -13.62 14.99
N MET A 45 7.97 -14.62 14.12
CA MET A 45 9.20 -14.86 13.35
C MET A 45 9.05 -14.28 11.96
N ALA A 46 8.44 -13.10 11.89
CA ALA A 46 8.46 -12.26 10.69
C ALA A 46 9.26 -10.99 10.97
N HIS A 47 9.61 -10.74 12.24
CA HIS A 47 10.79 -9.88 12.60
C HIS A 47 12.05 -10.28 11.80
N GLN A 48 11.87 -11.24 10.87
CA GLN A 48 12.86 -11.70 9.88
C GLN A 48 13.85 -10.59 9.57
N GLU A 49 13.32 -9.51 9.01
CA GLU A 49 14.06 -8.27 8.84
C GLU A 49 13.08 -7.15 9.15
N GLN A 50 12.81 -6.94 10.44
CA GLN A 50 11.93 -5.83 10.85
C GLN A 50 12.40 -4.84 11.96
N GLY A 51 12.35 -3.57 11.55
CA GLY A 51 12.70 -2.43 12.36
C GLY A 51 11.51 -2.01 13.19
N GLN A 52 10.36 -2.60 12.90
CA GLN A 52 9.13 -2.36 13.63
C GLN A 52 9.40 -2.49 15.11
N GLN A 53 10.21 -3.49 15.47
CA GLN A 53 10.57 -3.66 16.85
C GLN A 53 11.54 -2.62 17.36
N GLN A 54 12.50 -2.17 16.52
CA GLN A 54 13.37 -1.07 16.94
C GLN A 54 12.53 0.22 17.17
N GLN A 55 11.59 0.52 16.27
CA GLN A 55 10.69 1.67 16.44
C GLN A 55 10.00 1.54 17.79
N ALA A 56 9.47 0.36 18.08
CA ALA A 56 8.69 0.23 19.29
C ALA A 56 9.59 0.32 20.50
N LEU A 57 10.73 -0.34 20.47
CA LEU A 57 11.70 -0.17 21.57
C LEU A 57 12.04 1.32 21.86
N ALA A 58 12.42 2.09 20.83
CA ALA A 58 12.74 3.51 20.99
C ALA A 58 11.57 4.30 21.59
N ARG A 59 10.34 4.01 21.15
CA ARG A 59 9.18 4.68 21.72
C ARG A 59 8.97 4.27 23.17
N ALA A 60 9.15 2.99 23.48
CA ALA A 60 8.93 2.48 24.83
C ALA A 60 9.92 3.14 25.80
N VAL A 61 11.21 3.17 25.46
CA VAL A 61 12.16 3.68 26.43
C VAL A 61 11.97 5.16 26.66
N TYR A 62 11.59 5.88 25.61
CA TYR A 62 11.33 7.29 25.74
C TYR A 62 10.05 7.54 26.51
N ALA A 63 8.98 6.81 26.20
CA ALA A 63 7.71 6.98 26.93
C ALA A 63 7.92 6.58 28.40
N TYR A 64 8.60 5.46 28.65
CA TYR A 64 8.87 5.05 30.00
C TYR A 64 9.59 6.16 30.76
N ALA A 65 10.63 6.70 30.14
CA ALA A 65 11.46 7.67 30.81
C ALA A 65 10.75 8.98 31.14
N GLU A 66 10.00 9.49 30.17
CA GLU A 66 9.17 10.67 30.33
C GLU A 66 8.01 10.53 31.31
N ASN A 67 7.62 9.31 31.65
CA ASN A 67 6.47 9.07 32.53
C ASN A 67 6.85 8.44 33.87
N ILE A 68 8.13 8.20 34.07
CA ILE A 68 8.57 7.43 35.22
C ILE A 68 8.15 8.05 36.57
N GLU A 69 7.85 9.35 36.56
CA GLU A 69 7.39 10.05 37.75
C GLU A 69 5.88 10.04 37.92
N ASP A 70 5.17 9.41 37.00
CA ASP A 70 3.74 9.42 37.01
C ASP A 70 3.23 8.00 36.94
N PRO A 71 3.12 7.35 38.10
CA PRO A 71 2.74 5.94 38.14
C PRO A 71 1.38 5.64 37.50
N ASN A 72 0.43 6.58 37.57
CA ASN A 72 -0.90 6.36 36.98
C ASN A 72 -0.85 6.19 35.46
N SER A 73 -0.07 7.06 34.81
CA SER A 73 0.16 6.94 33.35
C SER A 73 0.86 5.64 33.03
N LEU A 74 1.86 5.29 33.82
CA LEU A 74 2.54 4.03 33.67
C LEU A 74 1.57 2.82 33.83
N MET A 75 0.78 2.76 34.90
CA MET A 75 -0.17 1.63 35.07
C MET A 75 -1.10 1.39 33.87
N ALA A 76 -1.61 2.47 33.27
CA ALA A 76 -2.53 2.33 32.14
C ALA A 76 -1.88 1.63 30.95
N VAL A 77 -0.70 2.05 30.50
CA VAL A 77 -0.04 1.34 29.37
C VAL A 77 0.38 -0.11 29.72
N LEU A 78 0.80 -0.30 30.96
CA LEU A 78 1.12 -1.62 31.44
C LEU A 78 -0.11 -2.54 31.36
N LYS A 79 -1.33 -1.99 31.46
CA LYS A 79 -2.51 -2.84 31.31
C LYS A 79 -2.66 -3.36 29.89
N ASN A 80 -2.36 -2.50 28.90
CA ASN A 80 -2.46 -2.91 27.50
C ASN A 80 -1.43 -4.05 27.29
N ILE A 81 -0.23 -3.89 27.85
CA ILE A 81 0.81 -4.90 27.64
C ILE A 81 0.40 -6.21 28.38
N ALA A 82 -0.06 -6.09 29.63
CA ALA A 82 -0.50 -7.29 30.35
C ALA A 82 -1.56 -8.09 29.59
N ASN A 83 -2.51 -7.40 28.98
CA ASN A 83 -3.55 -8.08 28.21
C ASN A 83 -3.00 -8.82 27.02
N LYS A 84 -2.00 -8.21 26.37
CA LYS A 84 -1.39 -8.81 25.20
C LYS A 84 -0.50 -10.01 25.63
N HIS A 85 0.23 -9.84 26.73
CA HIS A 85 1.05 -10.90 27.25
C HIS A 85 0.12 -12.06 27.68
N ALA A 86 -1.04 -11.73 28.24
CA ALA A 86 -1.92 -12.79 28.75
C ALA A 86 -2.48 -13.55 27.56
N SER A 87 -2.95 -12.84 26.54
CA SER A 87 -3.29 -13.48 25.28
C SER A 87 -2.18 -14.41 24.71
N LEU A 88 -0.90 -14.05 24.88
CA LEU A 88 0.19 -14.82 24.29
C LEU A 88 0.53 -16.02 25.15
N GLY A 89 0.14 -15.95 26.42
CA GLY A 89 0.45 -17.01 27.37
C GLY A 89 1.81 -16.81 28.06
N VAL A 90 2.20 -15.54 28.24
CA VAL A 90 3.47 -15.21 28.87
C VAL A 90 3.43 -15.68 30.31
N LYS A 91 4.49 -16.34 30.71
CA LYS A 91 4.54 -16.98 32.03
C LYS A 91 5.52 -16.26 32.95
N PRO A 92 5.19 -16.19 34.26
CA PRO A 92 6.11 -15.57 35.22
C PRO A 92 7.56 -16.09 35.11
N GLU A 93 7.74 -17.38 34.80
CA GLU A 93 9.07 -18.00 34.85
C GLU A 93 9.87 -17.52 33.63
N GLN A 94 9.21 -16.90 32.67
CA GLN A 94 9.96 -16.34 31.55
C GLN A 94 10.54 -14.95 31.84
N TYR A 95 10.11 -14.27 32.92
CA TYR A 95 10.66 -12.91 33.21
C TYR A 95 12.20 -12.85 33.47
N PRO A 96 12.76 -13.80 34.26
CA PRO A 96 14.24 -13.84 34.44
C PRO A 96 15.00 -14.17 33.16
N ILE A 97 14.39 -14.93 32.27
CA ILE A 97 14.98 -15.25 30.96
C ILE A 97 15.11 -13.99 30.10
N VAL A 98 13.99 -13.30 29.86
CA VAL A 98 14.04 -12.10 29.09
C VAL A 98 14.95 -11.09 29.75
N GLY A 99 14.85 -10.97 31.07
CA GLY A 99 15.66 -9.94 31.78
C GLY A 99 17.15 -10.16 31.58
N GLU A 100 17.60 -11.41 31.72
CA GLU A 100 19.03 -11.65 31.58
C GLU A 100 19.57 -11.33 30.17
N HIS A 101 18.87 -11.78 29.15
CA HIS A 101 19.33 -11.60 27.80
C HIS A 101 19.22 -10.17 27.34
N LEU A 102 18.15 -9.51 27.75
CA LEU A 102 18.02 -8.07 27.48
C LEU A 102 19.21 -7.31 28.09
N LEU A 103 19.45 -7.50 29.40
CA LEU A 103 20.61 -6.87 30.06
C LEU A 103 21.93 -7.26 29.44
N ALA A 104 22.12 -8.54 29.13
CA ALA A 104 23.35 -8.96 28.43
C ALA A 104 23.51 -8.19 27.09
N ALA A 105 22.41 -8.04 26.34
CA ALA A 105 22.43 -7.33 25.06
C ALA A 105 22.73 -5.88 25.25
N ILE A 106 22.07 -5.23 26.22
CA ILE A 106 22.37 -3.83 26.52
C ILE A 106 23.85 -3.67 26.84
N LYS A 107 24.37 -4.58 27.66
CA LYS A 107 25.78 -4.58 28.02
C LYS A 107 26.72 -4.77 26.82
N GLU A 108 26.42 -5.70 25.93
CA GLU A 108 27.29 -5.96 24.79
C GLU A 108 27.25 -4.81 23.78
N VAL A 109 26.06 -4.29 23.50
CA VAL A 109 25.95 -3.22 22.49
C VAL A 109 26.57 -1.92 22.98
N LEU A 110 26.32 -1.57 24.24
CA LEU A 110 26.86 -0.35 24.81
C LEU A 110 28.38 -0.42 25.07
N GLY A 111 28.91 -1.65 25.17
CA GLY A 111 30.32 -1.90 25.43
C GLY A 111 30.84 -1.01 26.56
N ASN A 112 31.85 -0.20 26.28
CA ASN A 112 32.48 0.62 27.32
C ASN A 112 31.49 1.55 28.03
N ALA A 113 30.45 1.95 27.32
CA ALA A 113 29.47 2.87 27.85
C ALA A 113 28.43 2.19 28.76
N ALA A 114 28.44 0.86 28.86
CA ALA A 114 27.56 0.18 29.80
C ALA A 114 28.10 0.22 31.21
N THR A 115 28.08 1.40 31.84
CA THR A 115 28.64 1.55 33.18
C THR A 115 27.76 0.92 34.22
N ASP A 116 28.34 0.66 35.38
CA ASP A 116 27.61 -0.02 36.43
C ASP A 116 26.29 0.68 36.77
N ASP A 117 26.36 2.00 36.88
CA ASP A 117 25.22 2.83 37.18
C ASP A 117 24.10 2.65 36.15
N ILE A 118 24.45 2.58 34.87
CA ILE A 118 23.43 2.47 33.83
C ILE A 118 22.80 1.07 33.79
N ILE A 119 23.63 0.04 33.77
CA ILE A 119 23.13 -1.33 33.81
C ILE A 119 22.30 -1.53 35.05
N SER A 120 22.67 -0.94 36.16
CA SER A 120 21.92 -1.18 37.42
C SER A 120 20.53 -0.55 37.43
N ALA A 121 20.49 0.68 36.94
CA ALA A 121 19.24 1.42 36.79
C ALA A 121 18.28 0.67 35.88
N TRP A 122 18.72 0.28 34.70
CA TRP A 122 17.77 -0.41 33.81
C TRP A 122 17.42 -1.80 34.31
N ALA A 123 18.36 -2.47 35.01
CA ALA A 123 18.04 -3.77 35.58
C ALA A 123 16.93 -3.59 36.62
N GLN A 124 17.01 -2.52 37.42
CA GLN A 124 15.95 -2.31 38.45
C GLN A 124 14.64 -1.97 37.77
N ALA A 125 14.72 -1.13 36.73
CA ALA A 125 13.53 -0.79 35.95
C ALA A 125 12.91 -2.07 35.42
N TYR A 126 13.73 -2.92 34.84
CA TYR A 126 13.23 -4.17 34.33
C TYR A 126 12.49 -4.98 35.45
N GLY A 127 13.11 -5.16 36.61
CA GLY A 127 12.44 -5.90 37.68
C GLY A 127 11.19 -5.25 38.23
N ASN A 128 11.15 -3.92 38.24
CA ASN A 128 10.01 -3.20 38.78
C ASN A 128 8.83 -3.45 37.85
N LEU A 129 9.10 -3.27 36.57
CA LEU A 129 8.08 -3.54 35.55
C LEU A 129 7.64 -4.99 35.52
N ALA A 130 8.59 -5.91 35.64
CA ALA A 130 8.28 -7.34 35.63
C ALA A 130 7.32 -7.68 36.75
N ASP A 131 7.58 -7.17 37.94
CA ASP A 131 6.70 -7.48 39.05
C ASP A 131 5.24 -6.98 38.75
N VAL A 132 5.12 -5.77 38.20
CA VAL A 132 3.79 -5.15 38.01
C VAL A 132 3.09 -6.02 36.98
N LEU A 133 3.82 -6.34 35.90
CA LEU A 133 3.21 -7.12 34.81
C LEU A 133 2.77 -8.52 35.20
N MET A 134 3.67 -9.28 35.84
CA MET A 134 3.34 -10.63 36.36
C MET A 134 2.06 -10.65 37.21
N GLY A 135 1.94 -9.72 38.16
CA GLY A 135 0.74 -9.57 38.99
C GLY A 135 -0.51 -9.23 38.17
N MET A 136 -0.36 -8.40 37.13
CA MET A 136 -1.52 -8.03 36.32
C MET A 136 -1.93 -9.22 35.53
N GLU A 137 -0.94 -9.93 34.99
CA GLU A 137 -1.18 -11.09 34.11
C GLU A 137 -1.82 -12.24 34.94
N SER A 138 -1.29 -12.45 36.13
CA SER A 138 -1.88 -13.47 36.99
C SER A 138 -3.34 -13.16 37.29
N GLU A 139 -3.64 -11.91 37.58
CA GLU A 139 -5.03 -11.51 37.87
C GLU A 139 -5.91 -11.78 36.64
N LEU A 140 -5.36 -11.52 35.45
CA LEU A 140 -6.09 -11.72 34.18
C LEU A 140 -6.33 -13.18 33.93
N TYR A 141 -5.31 -14.03 34.14
CA TYR A 141 -5.48 -15.49 34.01
C TYR A 141 -6.52 -16.05 34.97
N GLU A 142 -6.48 -15.60 36.22
CA GLU A 142 -7.42 -16.10 37.20
C GLU A 142 -8.84 -15.67 36.89
N ARG A 143 -9.03 -14.42 36.48
CA ARG A 143 -10.37 -13.97 36.17
C ARG A 143 -10.93 -14.78 35.02
N SER A 144 -10.14 -15.01 33.99
CA SER A 144 -10.62 -15.81 32.86
C SER A 144 -10.99 -17.24 33.32
N ALA A 145 -10.08 -17.88 34.06
CA ALA A 145 -10.28 -19.28 34.45
C ALA A 145 -11.57 -19.48 35.27
N GLU A 146 -11.89 -18.50 36.12
CA GLU A 146 -13.02 -18.62 37.02
C GLU A 146 -14.39 -18.35 36.39
N GLN A 147 -14.44 -17.73 35.22
CA GLN A 147 -15.73 -17.36 34.62
C GLN A 147 -16.33 -18.53 33.86
N PRO A 148 -17.67 -18.60 33.79
CA PRO A 148 -18.29 -19.64 32.99
C PRO A 148 -17.71 -19.67 31.57
N GLY A 149 -17.21 -20.85 31.21
CA GLY A 149 -16.70 -21.11 29.88
C GLY A 149 -15.32 -20.58 29.66
N GLY A 150 -14.67 -20.13 30.75
CA GLY A 150 -13.30 -19.55 30.62
C GLY A 150 -12.21 -20.60 30.81
N TRP A 151 -10.97 -20.24 30.53
CA TRP A 151 -9.85 -21.17 30.67
C TRP A 151 -8.54 -20.39 30.70
N LYS A 152 -7.46 -21.11 31.02
CA LYS A 152 -6.09 -20.64 30.96
C LYS A 152 -5.42 -21.40 29.83
N GLY A 153 -4.38 -20.79 29.24
CA GLY A 153 -3.62 -21.44 28.16
C GLY A 153 -4.46 -21.57 26.90
N TRP A 154 -4.19 -22.61 26.12
CA TRP A 154 -4.84 -22.83 24.82
C TRP A 154 -6.02 -23.71 24.97
N ARG A 155 -7.10 -23.37 24.28
CA ARG A 155 -8.23 -24.27 24.22
C ARG A 155 -8.46 -24.63 22.76
N THR A 156 -8.69 -25.91 22.49
CA THR A 156 -8.85 -26.34 21.11
C THR A 156 -10.22 -25.93 20.56
N PHE A 157 -10.23 -25.30 19.38
CA PHE A 157 -11.48 -24.97 18.71
C PHE A 157 -11.52 -25.65 17.35
N VAL A 158 -12.73 -25.88 16.87
CA VAL A 158 -12.95 -26.38 15.51
C VAL A 158 -13.69 -25.33 14.69
N ILE A 159 -13.23 -25.12 13.46
CA ILE A 159 -13.88 -24.26 12.49
C ILE A 159 -15.19 -24.90 12.08
N ARG A 160 -16.30 -24.30 12.48
CA ARG A 160 -17.63 -24.72 12.05
C ARG A 160 -18.04 -24.17 10.68
N GLU A 161 -17.67 -22.91 10.40
CA GLU A 161 -18.01 -22.19 9.16
C GLU A 161 -16.81 -21.36 8.72
N LYS A 162 -16.70 -21.16 7.42
CA LYS A 162 -15.64 -20.34 6.88
C LYS A 162 -16.29 -19.60 5.72
N ARG A 163 -16.55 -18.31 5.94
CA ARG A 163 -17.32 -17.51 5.01
C ARG A 163 -16.47 -16.34 4.48
N PRO A 164 -16.18 -16.32 3.16
CA PRO A 164 -15.57 -15.15 2.52
C PRO A 164 -16.46 -13.92 2.69
N GLU A 165 -15.87 -12.80 3.08
CA GLU A 165 -16.58 -11.53 3.24
C GLU A 165 -16.27 -10.53 2.14
N SER A 166 -15.15 -10.75 1.42
CA SER A 166 -14.72 -9.95 0.28
C SER A 166 -13.63 -10.75 -0.40
N ASP A 167 -12.96 -10.18 -1.41
CA ASP A 167 -11.82 -10.88 -2.00
C ASP A 167 -10.68 -11.16 -1.03
N VAL A 168 -10.63 -10.45 0.10
CA VAL A 168 -9.46 -10.57 0.97
C VAL A 168 -9.77 -10.87 2.41
N ILE A 169 -11.03 -10.75 2.81
CA ILE A 169 -11.37 -11.04 4.20
C ILE A 169 -12.29 -12.24 4.32
N THR A 170 -11.89 -13.23 5.12
CA THR A 170 -12.71 -14.42 5.33
C THR A 170 -12.99 -14.59 6.80
N SER A 171 -14.24 -14.88 7.15
CA SER A 171 -14.59 -15.12 8.56
C SER A 171 -14.52 -16.59 8.90
N PHE A 172 -14.13 -16.88 10.15
CA PHE A 172 -14.08 -18.23 10.68
C PHE A 172 -14.94 -18.25 11.94
N ILE A 173 -15.89 -19.17 11.97
CA ILE A 173 -16.74 -19.28 13.13
C ILE A 173 -16.22 -20.49 13.87
N LEU A 174 -15.96 -20.31 15.16
CA LEU A 174 -15.20 -21.27 15.94
C LEU A 174 -15.96 -21.71 17.19
N GLU A 175 -16.08 -23.03 17.34
CA GLU A 175 -16.65 -23.64 18.51
C GLU A 175 -15.61 -24.55 19.18
N PRO A 176 -15.67 -24.71 20.52
CA PRO A 176 -14.69 -25.55 21.19
C PRO A 176 -14.85 -27.04 20.87
N ALA A 177 -13.75 -27.69 20.52
CA ALA A 177 -13.76 -29.16 20.37
C ALA A 177 -14.46 -29.92 21.53
N ASP A 178 -14.38 -29.38 22.75
CA ASP A 178 -14.99 -30.02 23.94
C ASP A 178 -16.51 -29.81 24.06
N GLY A 179 -17.05 -28.94 23.22
CA GLY A 179 -18.51 -28.72 23.16
C GLY A 179 -19.10 -27.90 24.31
N GLY A 180 -18.24 -27.33 25.15
CA GLY A 180 -18.68 -26.60 26.33
C GLY A 180 -18.92 -25.11 26.02
N PRO A 181 -19.50 -24.38 26.98
CA PRO A 181 -19.70 -22.94 26.82
C PRO A 181 -18.35 -22.23 26.58
N VAL A 182 -18.39 -21.02 26.03
CA VAL A 182 -17.19 -20.14 25.92
C VAL A 182 -17.43 -18.86 26.73
N VAL A 183 -16.35 -18.30 27.28
CA VAL A 183 -16.47 -17.15 28.17
C VAL A 183 -16.94 -15.94 27.39
N ASN A 184 -17.69 -15.08 28.08
CA ASN A 184 -18.10 -13.78 27.58
C ASN A 184 -16.86 -12.89 27.28
N PHE A 185 -17.05 -11.82 26.51
CA PHE A 185 -15.99 -10.82 26.30
C PHE A 185 -16.61 -9.44 26.14
N GLU A 186 -15.82 -8.38 26.31
CA GLU A 186 -16.29 -7.05 26.00
C GLU A 186 -16.09 -6.83 24.49
N PRO A 187 -17.06 -6.21 23.80
CA PRO A 187 -16.92 -6.03 22.34
C PRO A 187 -15.75 -5.10 22.02
N GLY A 188 -14.83 -5.58 21.18
CA GLY A 188 -13.59 -4.91 20.89
C GLY A 188 -12.39 -5.76 21.33
N GLN A 189 -12.65 -6.74 22.18
CA GLN A 189 -11.60 -7.62 22.62
C GLN A 189 -11.22 -8.59 21.53
N TYR A 190 -10.07 -9.24 21.74
CA TYR A 190 -9.49 -10.16 20.78
C TYR A 190 -9.18 -11.49 21.45
N THR A 191 -9.00 -12.51 20.60
CA THR A 191 -8.39 -13.77 20.98
C THR A 191 -7.04 -13.88 20.24
N SER A 192 -6.31 -14.93 20.52
CA SER A 192 -5.07 -15.18 19.79
C SER A 192 -5.25 -16.55 19.25
N VAL A 193 -4.89 -16.70 18.00
CA VAL A 193 -4.84 -18.03 17.38
C VAL A 193 -3.39 -18.47 17.48
N ALA A 194 -3.18 -19.69 17.95
CA ALA A 194 -1.84 -20.27 17.93
C ALA A 194 -1.95 -21.44 17.00
N ILE A 195 -1.05 -21.54 16.03
CA ILE A 195 -1.10 -22.56 14.99
C ILE A 195 0.30 -22.89 14.48
N ASP A 196 0.52 -24.14 14.09
CA ASP A 196 1.80 -24.56 13.52
C ASP A 196 1.99 -24.04 12.09
N VAL A 197 3.14 -23.41 11.82
CA VAL A 197 3.47 -22.97 10.49
C VAL A 197 4.56 -23.84 9.87
N PRO A 198 4.18 -24.68 8.90
CA PRO A 198 5.15 -25.69 8.52
C PRO A 198 6.36 -25.10 7.80
N ALA A 199 6.16 -24.01 7.05
CA ALA A 199 7.27 -23.28 6.42
C ALA A 199 8.33 -22.82 7.44
N LEU A 200 7.89 -22.59 8.67
CA LEU A 200 8.77 -22.11 9.69
C LEU A 200 9.25 -23.24 10.58
N GLY A 201 8.49 -24.35 10.55
CA GLY A 201 8.69 -25.46 11.51
C GLY A 201 8.48 -24.98 12.94
N LEU A 202 7.56 -24.02 13.12
CA LEU A 202 7.30 -23.39 14.46
C LEU A 202 5.84 -23.15 14.68
N GLN A 203 5.40 -23.11 15.94
CA GLN A 203 4.10 -22.51 16.17
C GLN A 203 4.20 -20.97 15.99
N GLN A 204 3.13 -20.33 15.49
CA GLN A 204 3.03 -18.87 15.48
C GLN A 204 1.71 -18.44 16.09
N ILE A 205 1.70 -17.24 16.67
CA ILE A 205 0.55 -16.74 17.40
C ILE A 205 0.18 -15.40 16.79
N ARG A 206 -1.13 -15.22 16.51
CA ARG A 206 -1.62 -13.91 16.02
C ARG A 206 -2.92 -13.55 16.73
N GLN A 207 -3.08 -12.28 17.06
CA GLN A 207 -4.34 -11.79 17.61
C GLN A 207 -5.34 -11.49 16.49
N TYR A 208 -6.62 -11.71 16.80
CA TYR A 208 -7.77 -11.39 15.90
C TYR A 208 -8.90 -10.94 16.76
N SER A 209 -9.40 -9.77 16.47
CA SER A 209 -10.56 -9.22 17.18
C SER A 209 -11.73 -10.18 17.07
N LEU A 210 -12.52 -10.26 18.14
CA LEU A 210 -13.69 -11.10 18.09
C LEU A 210 -14.78 -10.36 17.34
N SER A 211 -15.07 -10.81 16.12
CA SER A 211 -15.83 -9.99 15.19
C SER A 211 -17.35 -10.14 15.30
N ASP A 212 -17.82 -10.90 16.29
CA ASP A 212 -19.24 -10.98 16.50
C ASP A 212 -19.60 -10.60 17.93
N MET A 213 -20.89 -10.54 18.25
CA MET A 213 -21.31 -10.33 19.64
C MET A 213 -21.10 -11.63 20.46
N PRO A 214 -20.91 -11.51 21.80
CA PRO A 214 -20.82 -12.70 22.68
C PRO A 214 -22.09 -13.51 22.61
N ASN A 215 -22.01 -14.84 22.66
CA ASN A 215 -23.22 -15.67 22.61
C ASN A 215 -23.16 -16.95 23.41
N GLY A 216 -22.05 -17.16 24.07
CA GLY A 216 -21.90 -18.33 24.94
C GLY A 216 -21.49 -19.63 24.26
N ARG A 217 -21.58 -19.69 22.93
CA ARG A 217 -21.29 -20.91 22.13
C ARG A 217 -20.06 -20.83 21.20
N SER A 218 -19.88 -19.71 20.54
CA SER A 218 -18.91 -19.64 19.49
C SER A 218 -18.24 -18.30 19.46
N TYR A 219 -17.12 -18.25 18.76
CA TYR A 219 -16.41 -16.99 18.47
C TYR A 219 -16.27 -16.86 16.97
N ARG A 220 -16.16 -15.62 16.50
CA ARG A 220 -15.95 -15.38 15.09
C ARG A 220 -14.71 -14.49 14.94
N ILE A 221 -13.88 -14.83 13.99
CA ILE A 221 -12.79 -13.93 13.63
C ILE A 221 -12.85 -13.68 12.13
N SER A 222 -12.37 -12.51 11.72
CA SER A 222 -12.38 -12.14 10.33
C SER A 222 -11.02 -11.71 9.89
N VAL A 223 -10.45 -12.50 8.98
CA VAL A 223 -9.04 -12.48 8.72
C VAL A 223 -8.80 -11.95 7.35
N LYS A 224 -8.03 -10.87 7.27
CA LYS A 224 -7.61 -10.34 6.00
C LYS A 224 -6.37 -11.10 5.53
N ARG A 225 -6.42 -11.60 4.30
CA ARG A 225 -5.25 -12.21 3.67
C ARG A 225 -4.15 -11.18 3.41
N GLU A 226 -2.99 -11.37 4.05
CA GLU A 226 -1.87 -10.42 3.94
C GLU A 226 -0.81 -10.82 2.95
N GLY A 227 -0.66 -9.93 1.98
CA GLY A 227 0.61 -9.75 1.31
C GLY A 227 0.70 -10.54 0.05
N GLY A 228 1.86 -10.39 -0.57
CA GLY A 228 2.02 -10.57 -1.99
C GLY A 228 2.55 -9.22 -2.42
N GLY A 229 1.64 -8.30 -2.75
CA GLY A 229 2.01 -6.98 -3.25
C GLY A 229 3.46 -6.93 -3.69
N PRO A 230 4.28 -6.11 -3.00
CA PRO A 230 5.74 -6.11 -3.14
C PRO A 230 6.49 -6.95 -2.07
N GLN A 231 5.88 -7.10 -0.90
CA GLN A 231 6.51 -7.79 0.24
C GLN A 231 6.05 -9.24 0.41
N PRO A 232 6.81 -10.05 1.19
CA PRO A 232 6.41 -11.43 1.45
C PRO A 232 4.97 -11.60 2.00
N PRO A 233 4.31 -12.70 1.63
CA PRO A 233 2.99 -12.96 2.22
C PRO A 233 3.11 -13.22 3.73
N GLY A 234 2.06 -12.96 4.49
CA GLY A 234 2.06 -13.20 5.91
C GLY A 234 1.86 -14.67 6.12
N TYR A 235 2.45 -15.20 7.19
CA TYR A 235 2.37 -16.63 7.43
C TYR A 235 0.97 -17.05 7.80
N VAL A 236 0.47 -16.52 8.91
CA VAL A 236 -0.70 -17.12 9.52
C VAL A 236 -1.98 -16.82 8.75
N SER A 237 -2.09 -15.59 8.26
CA SER A 237 -3.28 -15.19 7.52
C SER A 237 -3.47 -16.00 6.22
N ASN A 238 -2.39 -16.16 5.44
CA ASN A 238 -2.45 -17.08 4.26
C ASN A 238 -2.74 -18.52 4.62
N LEU A 239 -2.12 -19.01 5.69
CA LEU A 239 -2.37 -20.35 6.20
C LEU A 239 -3.85 -20.56 6.53
N LEU A 240 -4.44 -19.61 7.26
CA LEU A 240 -5.85 -19.73 7.64
C LEU A 240 -6.75 -19.71 6.38
N HIS A 241 -6.42 -18.84 5.44
CA HIS A 241 -7.23 -18.76 4.25
C HIS A 241 -7.17 -20.04 3.45
N ASP A 242 -5.98 -20.60 3.30
CA ASP A 242 -5.78 -21.72 2.38
C ASP A 242 -5.78 -23.13 2.99
N HIS A 243 -5.43 -23.30 4.26
CA HIS A 243 -5.31 -24.66 4.79
C HIS A 243 -6.14 -24.97 6.02
N VAL A 244 -6.81 -23.95 6.55
CA VAL A 244 -7.68 -24.20 7.68
C VAL A 244 -9.08 -24.18 7.15
N ASN A 245 -9.73 -25.34 7.17
CA ASN A 245 -11.07 -25.48 6.62
C ASN A 245 -12.07 -25.89 7.67
N VAL A 246 -13.34 -25.90 7.31
CA VAL A 246 -14.36 -26.41 8.18
C VAL A 246 -13.90 -27.79 8.72
N GLY A 247 -14.01 -27.99 10.03
CA GLY A 247 -13.67 -29.27 10.62
C GLY A 247 -12.26 -29.32 11.16
N ASP A 248 -11.39 -28.42 10.72
CA ASP A 248 -10.02 -28.39 11.23
C ASP A 248 -9.96 -27.76 12.63
N GLN A 249 -8.82 -27.92 13.29
CA GLN A 249 -8.67 -27.38 14.64
C GLN A 249 -7.55 -26.31 14.76
N VAL A 250 -7.79 -25.32 15.60
CA VAL A 250 -6.76 -24.36 15.97
C VAL A 250 -6.87 -24.15 17.46
N LYS A 251 -5.84 -23.56 18.05
CA LYS A 251 -5.85 -23.28 19.48
C LYS A 251 -6.16 -21.82 19.67
N LEU A 252 -7.01 -21.50 20.65
CA LEU A 252 -7.34 -20.07 20.92
C LEU A 252 -7.07 -19.69 22.35
N ALA A 253 -6.69 -18.43 22.55
CA ALA A 253 -6.61 -17.85 23.88
C ALA A 253 -7.98 -17.31 24.33
N ALA A 254 -8.20 -17.27 25.63
CA ALA A 254 -9.34 -16.56 26.19
C ALA A 254 -9.25 -15.10 25.76
N PRO A 255 -10.39 -14.41 25.73
CA PRO A 255 -10.42 -13.02 25.22
C PRO A 255 -9.63 -12.08 26.07
N TYR A 256 -8.89 -11.14 25.45
CA TYR A 256 -8.25 -10.08 26.24
C TYR A 256 -8.31 -8.81 25.42
N GLY A 257 -7.89 -7.70 26.02
CA GLY A 257 -7.76 -6.41 25.34
C GLY A 257 -8.43 -5.36 26.20
N SER A 258 -7.91 -4.15 26.18
CA SER A 258 -8.51 -3.05 26.94
C SER A 258 -9.27 -2.09 26.04
N PHE A 259 -9.46 -2.47 24.78
CA PHE A 259 -10.21 -1.68 23.83
C PHE A 259 -11.60 -2.27 23.64
N HIS A 260 -12.58 -1.58 24.18
CA HIS A 260 -13.93 -2.08 24.16
C HIS A 260 -14.91 -1.04 24.66
N ILE A 261 -16.17 -1.23 24.29
CA ILE A 261 -17.26 -0.41 24.79
C ILE A 261 -17.58 -0.78 26.24
N ASP A 262 -18.18 0.17 26.95
CA ASP A 262 -18.80 -0.12 28.21
C ASP A 262 -20.20 -0.58 27.87
N VAL A 263 -20.47 -1.88 28.00
CA VAL A 263 -21.77 -2.41 27.63
C VAL A 263 -22.92 -1.82 28.45
N ASP A 264 -22.64 -1.42 29.70
CA ASP A 264 -23.65 -0.87 30.61
C ASP A 264 -23.96 0.63 30.44
N ALA A 265 -23.26 1.28 29.51
CA ALA A 265 -23.40 2.71 29.28
C ALA A 265 -24.61 3.00 28.38
N LYS A 266 -25.36 4.06 28.71
CA LYS A 266 -26.49 4.55 27.89
C LYS A 266 -25.98 5.34 26.68
N THR A 267 -24.84 6.01 26.88
CA THR A 267 -24.32 7.06 26.02
C THR A 267 -23.96 6.61 24.58
N PRO A 268 -23.96 7.55 23.60
CA PRO A 268 -23.72 7.19 22.19
C PRO A 268 -22.33 6.65 21.87
N ILE A 269 -22.22 5.89 20.77
CA ILE A 269 -20.92 5.41 20.29
C ILE A 269 -20.73 5.68 18.80
N VAL A 270 -19.57 6.19 18.42
CA VAL A 270 -19.24 6.43 17.03
C VAL A 270 -18.05 5.52 16.70
N LEU A 271 -18.18 4.76 15.62
CA LEU A 271 -17.31 3.65 15.30
C LEU A 271 -16.64 3.89 13.96
N ILE A 272 -15.37 4.26 14.02
CA ILE A 272 -14.64 4.71 12.82
C ILE A 272 -13.58 3.67 12.42
N SER A 273 -13.78 3.01 11.29
CA SER A 273 -12.93 1.88 10.91
C SER A 273 -12.43 1.97 9.49
N GLY A 274 -11.20 1.54 9.29
CA GLY A 274 -10.58 1.47 7.97
C GLY A 274 -10.29 0.02 7.69
N GLY A 275 -10.78 -0.47 6.55
CA GLY A 275 -10.56 -1.86 6.12
C GLY A 275 -10.84 -2.91 7.19
N VAL A 276 -9.86 -3.78 7.47
CA VAL A 276 -10.13 -4.91 8.36
C VAL A 276 -10.35 -4.38 9.76
N GLY A 277 -10.04 -3.10 10.00
CA GLY A 277 -10.27 -2.50 11.31
C GLY A 277 -11.73 -2.47 11.75
N LEU A 278 -12.65 -2.94 10.89
CA LEU A 278 -14.05 -2.97 11.24
C LEU A 278 -14.41 -4.07 12.22
N THR A 279 -13.54 -5.07 12.31
CA THR A 279 -13.87 -6.29 13.01
C THR A 279 -14.28 -6.08 14.46
N PRO A 280 -13.50 -5.32 15.27
CA PRO A 280 -14.10 -5.10 16.60
C PRO A 280 -15.38 -4.23 16.54
N MET A 281 -15.50 -3.38 15.52
CA MET A 281 -16.62 -2.42 15.44
C MET A 281 -17.95 -3.17 15.30
N VAL A 282 -17.94 -4.29 14.57
CA VAL A 282 -19.14 -5.08 14.30
C VAL A 282 -19.69 -5.70 15.57
N SER A 283 -18.80 -6.29 16.36
CA SER A 283 -19.16 -6.81 17.67
C SER A 283 -19.85 -5.70 18.46
N MET A 284 -19.24 -4.51 18.44
CA MET A 284 -19.69 -3.37 19.24
C MET A 284 -21.04 -2.85 18.72
N LEU A 285 -21.17 -2.76 17.40
CA LEU A 285 -22.44 -2.46 16.73
C LEU A 285 -23.55 -3.42 17.17
N LYS A 286 -23.31 -4.72 17.06
CA LYS A 286 -24.32 -5.74 17.33
C LYS A 286 -24.72 -5.78 18.79
N VAL A 287 -23.83 -5.36 19.68
CA VAL A 287 -24.22 -5.35 21.10
C VAL A 287 -25.00 -4.10 21.47
N ALA A 288 -24.50 -2.96 21.00
CA ALA A 288 -25.12 -1.65 21.24
C ALA A 288 -26.53 -1.56 20.66
N LEU A 289 -26.79 -2.22 19.52
CA LEU A 289 -28.11 -2.21 18.91
C LEU A 289 -29.12 -3.07 19.67
N GLN A 290 -28.81 -3.35 20.94
CA GLN A 290 -29.75 -4.04 21.80
C GLN A 290 -30.41 -3.04 22.77
N ALA A 291 -31.57 -2.54 22.35
CA ALA A 291 -32.25 -1.38 22.96
C ALA A 291 -32.71 -1.58 24.42
N PRO A 292 -32.08 -0.86 25.39
CA PRO A 292 -31.06 0.19 25.31
C PRO A 292 -30.48 0.51 23.93
N PRO A 293 -31.12 1.44 23.19
CA PRO A 293 -30.87 1.89 21.80
C PRO A 293 -29.57 1.48 21.02
N ARG A 294 -28.34 1.95 21.33
CA ARG A 294 -28.00 3.02 22.28
C ARG A 294 -27.85 4.30 21.49
N GLN A 295 -27.64 4.14 20.18
CA GLN A 295 -27.18 5.20 19.29
C GLN A 295 -25.76 4.92 18.81
N VAL A 296 -25.67 4.54 17.54
CA VAL A 296 -24.45 4.09 16.96
C VAL A 296 -24.34 4.73 15.60
N VAL A 297 -23.19 5.34 15.33
CA VAL A 297 -22.84 5.82 13.99
C VAL A 297 -21.65 5.00 13.55
N PHE A 298 -21.85 4.19 12.51
CA PHE A 298 -20.83 3.29 11.98
C PHE A 298 -20.25 3.93 10.77
N VAL A 299 -19.01 4.38 10.90
CA VAL A 299 -18.27 5.08 9.84
C VAL A 299 -17.18 4.15 9.34
N HIS A 300 -17.23 3.82 8.05
CA HIS A 300 -16.30 2.81 7.53
C HIS A 300 -15.68 3.26 6.24
N GLY A 301 -14.39 3.01 6.10
CA GLY A 301 -13.66 3.34 4.89
C GLY A 301 -13.04 2.07 4.38
N ALA A 302 -13.17 1.87 3.08
CA ALA A 302 -12.66 0.71 2.39
C ALA A 302 -12.35 1.22 1.00
N ARG A 303 -11.56 0.47 0.24
CA ARG A 303 -11.16 0.89 -1.09
C ARG A 303 -12.36 0.91 -2.04
N ASN A 304 -13.11 -0.19 -2.04
CA ASN A 304 -14.22 -0.34 -2.96
C ASN A 304 -15.15 -1.49 -2.54
N SER A 305 -16.10 -1.84 -3.42
CA SER A 305 -17.06 -2.88 -3.04
C SER A 305 -16.46 -4.28 -3.00
N ALA A 306 -15.40 -4.52 -3.77
CA ALA A 306 -14.81 -5.87 -3.85
C ALA A 306 -14.11 -6.21 -2.54
N VAL A 307 -13.68 -5.20 -1.79
CA VAL A 307 -12.82 -5.38 -0.64
C VAL A 307 -13.60 -5.06 0.68
N HIS A 308 -14.74 -4.38 0.56
CA HIS A 308 -15.63 -4.00 1.69
C HIS A 308 -16.26 -5.26 2.27
N ALA A 309 -15.91 -5.58 3.52
CA ALA A 309 -16.40 -6.78 4.17
C ALA A 309 -17.75 -6.48 4.79
N MET A 310 -18.63 -7.46 4.74
CA MET A 310 -19.93 -7.41 5.40
C MET A 310 -20.81 -6.29 4.87
N ARG A 311 -20.64 -5.99 3.58
CA ARG A 311 -21.31 -4.85 2.95
C ARG A 311 -22.85 -4.99 3.13
N ASP A 312 -23.39 -6.13 2.68
CA ASP A 312 -24.84 -6.28 2.64
C ASP A 312 -25.46 -6.27 4.02
N ARG A 313 -24.82 -6.93 4.99
CA ARG A 313 -25.34 -6.96 6.36
C ARG A 313 -25.37 -5.61 7.04
N LEU A 314 -24.37 -4.78 6.75
CA LEU A 314 -24.31 -3.45 7.31
C LEU A 314 -25.43 -2.53 6.77
N ARG A 315 -25.64 -2.54 5.45
CA ARG A 315 -26.73 -1.68 4.91
C ARG A 315 -28.12 -2.12 5.33
N GLU A 316 -28.31 -3.43 5.42
CA GLU A 316 -29.54 -4.01 5.89
C GLU A 316 -29.81 -3.60 7.34
N ALA A 317 -28.76 -3.50 8.13
CA ALA A 317 -28.90 -3.06 9.53
C ALA A 317 -29.36 -1.60 9.62
N ALA A 318 -28.78 -0.76 8.78
CA ALA A 318 -29.10 0.66 8.70
C ALA A 318 -30.53 0.97 8.20
N LYS A 319 -31.12 0.02 7.45
CA LYS A 319 -32.52 0.10 7.03
C LYS A 319 -33.46 -0.30 8.16
N THR A 320 -32.97 -1.16 9.06
CA THR A 320 -33.80 -1.79 10.09
C THR A 320 -33.81 -1.03 11.42
N TYR A 321 -32.67 -0.44 11.79
CA TYR A 321 -32.56 0.27 13.08
C TYR A 321 -32.55 1.79 12.93
N GLU A 322 -33.40 2.43 13.73
CA GLU A 322 -33.49 3.89 13.83
C GLU A 322 -32.21 4.52 14.38
N ASN A 323 -31.61 3.84 15.37
CA ASN A 323 -30.50 4.40 16.14
C ASN A 323 -29.14 4.14 15.52
N LEU A 324 -29.12 3.62 14.30
CA LEU A 324 -27.88 3.42 13.57
C LEU A 324 -27.75 4.34 12.37
N ASP A 325 -26.66 5.10 12.29
CA ASP A 325 -26.35 5.80 11.05
C ASP A 325 -25.15 5.12 10.44
N LEU A 326 -25.23 4.85 9.15
CA LEU A 326 -24.15 4.21 8.40
C LEU A 326 -23.53 5.16 7.41
N PHE A 327 -22.22 5.32 7.46
CA PHE A 327 -21.50 6.12 6.45
C PHE A 327 -20.34 5.30 5.89
N VAL A 328 -20.42 5.06 4.58
CA VAL A 328 -19.38 4.34 3.88
C VAL A 328 -18.65 5.26 2.91
N PHE A 329 -17.33 5.29 3.05
CA PHE A 329 -16.41 5.99 2.16
C PHE A 329 -15.60 5.01 1.31
N TYR A 330 -15.64 5.16 0.00
CA TYR A 330 -14.77 4.38 -0.87
C TYR A 330 -13.65 5.26 -1.40
N ASP A 331 -12.42 4.87 -1.07
CA ASP A 331 -11.20 5.57 -1.50
C ASP A 331 -10.89 5.39 -2.98
N GLN A 332 -11.08 4.18 -3.52
CA GLN A 332 -10.84 3.90 -4.93
C GLN A 332 -12.03 3.15 -5.53
N PRO A 333 -13.19 3.81 -5.67
CA PRO A 333 -14.41 3.10 -6.13
C PRO A 333 -14.23 2.43 -7.47
N LEU A 334 -14.77 1.23 -7.61
CA LEU A 334 -14.81 0.54 -8.90
C LEU A 334 -15.81 1.17 -9.91
N PRO A 335 -15.64 0.89 -11.20
CA PRO A 335 -16.56 1.43 -12.21
C PRO A 335 -18.02 1.14 -11.87
N GLU A 336 -18.29 0.00 -11.25
CA GLU A 336 -19.65 -0.36 -10.93
C GLU A 336 -20.08 0.13 -9.55
N ASP A 337 -19.17 0.73 -8.77
CA ASP A 337 -19.58 1.39 -7.51
C ASP A 337 -20.08 2.82 -7.79
N VAL A 338 -21.30 3.17 -7.37
CA VAL A 338 -21.78 4.53 -7.58
C VAL A 338 -22.05 5.30 -6.30
N GLN A 339 -21.56 6.53 -6.26
CA GLN A 339 -21.67 7.28 -5.00
C GLN A 339 -23.16 7.69 -4.85
N GLY A 340 -23.65 7.66 -3.61
CA GLY A 340 -25.06 7.94 -3.33
C GLY A 340 -25.94 6.74 -3.50
N ARG A 341 -25.34 5.62 -3.92
CA ARG A 341 -26.07 4.40 -4.20
C ARG A 341 -25.46 3.20 -3.53
N ASP A 342 -24.15 2.95 -3.75
CA ASP A 342 -23.44 1.82 -3.17
C ASP A 342 -22.50 2.24 -2.04
N TYR A 343 -22.29 3.56 -1.89
CA TYR A 343 -21.47 4.15 -0.83
C TYR A 343 -21.82 5.64 -0.75
N ASP A 344 -21.45 6.29 0.35
CA ASP A 344 -21.90 7.65 0.61
C ASP A 344 -20.90 8.72 0.12
N TYR A 345 -19.60 8.51 0.34
CA TYR A 345 -18.60 9.53 -0.03
C TYR A 345 -17.39 8.91 -0.66
N PRO A 346 -16.78 9.59 -1.64
CA PRO A 346 -15.51 9.12 -2.20
C PRO A 346 -14.33 9.57 -1.33
N GLY A 347 -13.20 8.89 -1.47
CA GLY A 347 -12.02 9.22 -0.66
C GLY A 347 -12.00 8.60 0.74
N LEU A 348 -11.05 9.07 1.54
CA LEU A 348 -10.84 8.58 2.90
C LEU A 348 -11.90 9.08 3.86
N VAL A 349 -12.13 8.33 4.91
CA VAL A 349 -13.06 8.77 5.95
C VAL A 349 -12.71 10.20 6.32
N ASP A 350 -13.70 11.10 6.19
CA ASP A 350 -13.53 12.49 6.54
C ASP A 350 -14.70 12.95 7.36
N VAL A 351 -14.39 13.28 8.60
CA VAL A 351 -15.36 13.46 9.63
C VAL A 351 -16.13 14.77 9.50
N LYS A 352 -15.52 15.77 8.87
CA LYS A 352 -16.17 17.05 8.54
C LYS A 352 -17.40 16.85 7.65
N GLN A 353 -17.37 15.80 6.82
CA GLN A 353 -18.45 15.52 5.88
C GLN A 353 -19.66 14.88 6.58
N ILE A 354 -19.50 14.59 7.87
CA ILE A 354 -20.59 13.98 8.65
C ILE A 354 -20.62 14.53 10.08
N GLU A 355 -20.13 15.76 10.22
CA GLU A 355 -19.91 16.41 11.53
C GLU A 355 -21.15 16.44 12.42
N LYS A 356 -22.27 16.95 11.92
CA LYS A 356 -23.50 17.00 12.70
C LYS A 356 -23.94 15.58 13.09
N SER A 357 -23.79 14.63 12.17
CA SER A 357 -24.14 13.23 12.43
C SER A 357 -23.28 12.54 13.50
N ILE A 358 -22.04 13.00 13.69
CA ILE A 358 -21.13 12.37 14.68
C ILE A 358 -20.95 13.18 15.97
N LEU A 359 -21.33 14.46 15.97
CA LEU A 359 -21.14 15.25 17.18
C LEU A 359 -22.29 15.07 18.17
N LEU A 360 -22.49 13.82 18.59
CA LEU A 360 -23.53 13.51 19.54
C LEU A 360 -23.02 13.86 20.93
N PRO A 361 -23.84 14.57 21.73
CA PRO A 361 -23.41 14.93 23.09
C PRO A 361 -23.15 13.65 23.89
N ASP A 362 -22.12 13.68 24.73
CA ASP A 362 -21.77 12.52 25.56
C ASP A 362 -21.14 11.35 24.77
N ALA A 363 -20.79 11.54 23.51
CA ALA A 363 -20.33 10.42 22.67
C ALA A 363 -18.93 9.88 23.01
N ASP A 364 -18.80 8.56 22.96
CA ASP A 364 -17.48 7.90 22.90
C ASP A 364 -17.15 7.56 21.44
N TYR A 365 -15.89 7.77 21.06
CA TYR A 365 -15.43 7.45 19.71
C TYR A 365 -14.44 6.27 19.71
N TYR A 366 -14.66 5.33 18.81
CA TYR A 366 -13.78 4.19 18.73
C TYR A 366 -13.15 4.17 17.33
N ILE A 367 -11.84 3.96 17.26
CA ILE A 367 -11.10 4.05 16.00
C ILE A 367 -10.23 2.82 15.84
N CYS A 368 -10.31 2.17 14.68
CA CYS A 368 -9.48 1.03 14.36
C CYS A 368 -9.16 0.96 12.86
N GLY A 369 -7.87 0.93 12.52
CA GLY A 369 -7.44 0.80 11.13
C GLY A 369 -5.93 0.88 11.07
N PRO A 370 -5.34 0.92 9.86
CA PRO A 370 -3.90 1.18 9.80
C PRO A 370 -3.55 2.44 10.63
N ILE A 371 -2.30 2.54 11.08
CA ILE A 371 -1.85 3.66 11.92
C ILE A 371 -1.97 5.08 11.30
N PRO A 372 -1.63 5.23 10.01
CA PRO A 372 -1.85 6.55 9.41
C PRO A 372 -3.33 6.92 9.47
N PHE A 373 -4.20 5.97 9.14
CA PHE A 373 -5.64 6.18 9.19
C PHE A 373 -6.08 6.58 10.60
N MET A 374 -5.57 5.88 11.59
CA MET A 374 -5.90 6.16 12.99
C MET A 374 -5.46 7.53 13.49
N ARG A 375 -4.24 7.96 13.15
CA ARG A 375 -3.77 9.29 13.50
C ARG A 375 -4.66 10.36 12.83
N MET A 376 -4.98 10.15 11.55
CA MET A 376 -5.81 11.07 10.79
C MET A 376 -7.15 11.29 11.50
N GLN A 377 -7.83 10.19 11.81
CA GLN A 377 -9.12 10.23 12.50
C GLN A 377 -9.00 10.83 13.89
N HIS A 378 -7.94 10.44 14.59
CA HIS A 378 -7.67 10.98 15.91
C HIS A 378 -7.58 12.51 15.85
N ASP A 379 -6.70 13.03 14.99
CA ASP A 379 -6.47 14.46 14.89
C ASP A 379 -7.76 15.21 14.57
N ALA A 380 -8.50 14.69 13.59
CA ALA A 380 -9.77 15.26 13.16
C ALA A 380 -10.77 15.35 14.30
N LEU A 381 -10.93 14.28 15.08
CA LEU A 381 -11.80 14.30 16.25
C LEU A 381 -11.42 15.35 17.32
N LYS A 382 -10.11 15.53 17.54
CA LYS A 382 -9.58 16.56 18.43
C LYS A 382 -9.91 17.96 17.94
N ASN A 383 -9.79 18.17 16.63
CA ASN A 383 -10.08 19.46 16.00
C ASN A 383 -11.54 19.91 16.15
N LEU A 384 -12.43 18.94 16.36
CA LEU A 384 -13.83 19.22 16.65
C LEU A 384 -14.08 19.61 18.12
N GLY A 385 -13.14 19.27 18.98
CA GLY A 385 -13.23 19.68 20.38
C GLY A 385 -13.57 18.55 21.32
N ILE A 386 -13.60 17.33 20.77
CA ILE A 386 -13.77 16.11 21.56
C ILE A 386 -12.57 15.90 22.49
N HIS A 387 -12.84 15.63 23.77
CA HIS A 387 -11.78 15.39 24.74
C HIS A 387 -11.11 14.05 24.51
N GLU A 388 -9.80 14.01 24.70
CA GLU A 388 -9.00 12.79 24.46
C GLU A 388 -9.51 11.60 25.26
N ALA A 389 -10.12 11.88 26.43
CA ALA A 389 -10.72 10.85 27.28
C ALA A 389 -11.86 10.12 26.59
N ARG A 390 -12.43 10.74 25.56
CA ARG A 390 -13.55 10.15 24.87
C ARG A 390 -13.19 9.45 23.55
N ILE A 391 -11.90 9.42 23.22
CA ILE A 391 -11.40 8.75 21.99
C ILE A 391 -10.59 7.47 22.29
N HIS A 392 -11.07 6.34 21.80
CA HIS A 392 -10.44 5.03 22.05
C HIS A 392 -9.94 4.35 20.78
N TYR A 393 -8.81 3.65 20.88
CA TYR A 393 -8.23 2.95 19.74
C TYR A 393 -7.48 1.65 20.09
N GLU A 394 -7.47 0.73 19.13
CA GLU A 394 -6.82 -0.58 19.17
C GLU A 394 -6.03 -0.70 17.87
N VAL A 395 -4.76 -1.11 18.01
CA VAL A 395 -3.83 -1.24 16.89
C VAL A 395 -3.72 -2.70 16.42
N PHE A 396 -3.66 -2.91 15.10
CA PHE A 396 -3.45 -4.24 14.50
C PHE A 396 -1.96 -4.60 14.32
N GLY A 397 -1.10 -3.98 15.14
CA GLY A 397 0.33 -4.30 15.19
C GLY A 397 0.85 -4.19 16.62
N PRO A 398 1.56 -3.09 16.93
CA PRO A 398 1.96 -2.76 18.29
C PRO A 398 1.18 -1.55 18.84
N ASP A 399 0.57 -1.71 20.02
CA ASP A 399 -0.31 -0.69 20.60
C ASP A 399 0.40 0.63 20.92
N LEU A 400 1.72 0.62 20.87
CA LEU A 400 2.52 1.83 21.01
C LEU A 400 3.18 2.16 19.66
N PHE A 401 2.51 3.00 18.86
CA PHE A 401 2.97 3.40 17.52
C PHE A 401 2.41 4.79 17.15
N ALA A 402 1.40 5.23 17.89
CA ALA A 402 0.70 6.49 17.65
C ALA A 402 0.25 7.14 18.96
N GLU A 403 0.79 6.64 20.07
CA GLU A 403 0.34 6.97 21.44
C GLU A 403 -0.05 8.43 21.67
N MET B 1 29.28 3.61 -1.51
CA MET B 1 28.88 2.16 -1.62
C MET B 1 28.52 1.50 -0.27
N LEU B 2 27.41 0.77 -0.21
CA LEU B 2 26.85 0.34 1.06
C LEU B 2 27.52 -0.90 1.66
N THR B 3 27.86 -0.81 2.96
CA THR B 3 28.36 -1.94 3.71
C THR B 3 27.20 -2.87 4.00
N GLN B 4 27.54 -4.10 4.36
CA GLN B 4 26.52 -5.09 4.66
C GLN B 4 25.57 -4.57 5.74
N LYS B 5 26.11 -3.95 6.79
CA LYS B 5 25.30 -3.53 7.92
C LYS B 5 24.25 -2.49 7.49
N THR B 6 24.69 -1.53 6.68
CA THR B 6 23.84 -0.56 6.09
C THR B 6 22.71 -1.16 5.22
N LYS B 7 23.02 -2.03 4.27
CA LYS B 7 22.00 -2.79 3.59
C LYS B 7 21.02 -3.45 4.59
N ASP B 8 21.54 -4.05 5.66
CA ASP B 8 20.68 -4.77 6.65
C ASP B 8 19.73 -3.83 7.38
N ILE B 9 20.17 -2.61 7.66
CA ILE B 9 19.31 -1.66 8.35
C ILE B 9 18.20 -1.20 7.39
N VAL B 10 18.58 -1.03 6.11
CA VAL B 10 17.60 -0.74 5.04
C VAL B 10 16.62 -1.88 4.94
N LYS B 11 17.08 -3.12 4.84
CA LYS B 11 16.14 -4.22 4.75
C LYS B 11 15.20 -4.18 5.97
N ALA B 12 15.75 -3.92 7.15
CA ALA B 12 14.97 -4.06 8.38
C ALA B 12 13.91 -2.96 8.47
N THR B 13 14.25 -1.77 7.96
CA THR B 13 13.38 -0.59 8.14
C THR B 13 12.49 -0.19 6.93
N ALA B 14 12.70 -0.82 5.79
CA ALA B 14 11.80 -0.62 4.69
C ALA B 14 10.31 -0.68 5.10
N PRO B 15 9.87 -1.72 5.86
CA PRO B 15 8.46 -1.73 6.28
C PRO B 15 8.11 -0.55 7.17
N VAL B 16 9.08 0.00 7.90
CA VAL B 16 8.76 1.11 8.77
C VAL B 16 8.43 2.35 7.90
N LEU B 17 9.26 2.63 6.90
CA LEU B 17 9.00 3.70 5.92
C LEU B 17 7.70 3.41 5.16
N ALA B 18 7.53 2.20 4.65
CA ALA B 18 6.29 1.88 3.95
C ALA B 18 5.03 2.12 4.76
N GLU B 19 5.00 1.73 6.02
CA GLU B 19 3.80 1.85 6.89
CA GLU B 19 3.73 1.88 6.70
C GLU B 19 3.48 3.32 7.18
N HIS B 20 4.53 4.14 7.25
CA HIS B 20 4.38 5.57 7.48
C HIS B 20 4.42 6.36 6.18
N GLY B 21 4.22 5.67 5.06
CA GLY B 21 4.47 6.30 3.74
C GLY B 21 3.62 7.54 3.53
N TYR B 22 2.36 7.46 3.93
CA TYR B 22 1.43 8.56 3.80
C TYR B 22 1.98 9.84 4.42
N ASP B 23 2.36 9.81 5.70
CA ASP B 23 2.86 11.02 6.37
C ASP B 23 4.22 11.45 5.83
N ILE B 24 5.04 10.51 5.40
CA ILE B 24 6.35 10.90 4.94
C ILE B 24 6.14 11.63 3.65
N ILE B 25 5.23 11.15 2.81
CA ILE B 25 5.03 11.80 1.53
C ILE B 25 4.46 13.20 1.72
N LYS B 26 3.43 13.31 2.55
CA LYS B 26 2.85 14.61 2.82
C LYS B 26 3.93 15.58 3.34
N CYS B 27 4.80 15.12 4.26
CA CYS B 27 5.77 15.99 4.88
C CYS B 27 6.87 16.35 3.89
N PHE B 28 7.28 15.38 3.11
CA PHE B 28 8.24 15.58 2.08
C PHE B 28 7.81 16.70 1.10
N TYR B 29 6.60 16.59 0.54
CA TYR B 29 6.14 17.59 -0.41
C TYR B 29 5.93 18.94 0.23
N GLN B 30 5.42 18.98 1.44
CA GLN B 30 5.27 20.24 2.13
C GLN B 30 6.63 20.95 2.35
N ARG B 31 7.64 20.20 2.84
CA ARG B 31 8.97 20.76 3.05
C ARG B 31 9.60 21.16 1.75
N MET B 32 9.55 20.26 0.79
CA MET B 32 10.23 20.53 -0.43
C MET B 32 9.62 21.72 -1.17
N PHE B 33 8.27 21.80 -1.22
CA PHE B 33 7.64 22.90 -1.92
C PHE B 33 7.75 24.21 -1.14
N GLU B 34 7.89 24.16 0.17
CA GLU B 34 8.04 25.40 0.91
C GLU B 34 9.38 26.02 0.53
N ALA B 35 10.41 25.18 0.41
CA ALA B 35 11.76 25.66 0.10
C ALA B 35 11.96 25.89 -1.41
N HIS B 36 11.36 25.05 -2.25
CA HIS B 36 11.48 25.20 -3.69
C HIS B 36 10.13 25.15 -4.39
N PRO B 37 9.30 26.22 -4.25
CA PRO B 37 7.97 26.20 -4.91
C PRO B 37 8.02 26.00 -6.40
N GLU B 38 9.12 26.35 -7.05
CA GLU B 38 9.22 26.18 -8.52
C GLU B 38 9.09 24.71 -8.97
N LEU B 39 9.37 23.79 -8.05
CA LEU B 39 9.35 22.35 -8.38
C LEU B 39 7.90 21.84 -8.57
N LYS B 40 6.91 22.64 -8.17
CA LYS B 40 5.55 22.29 -8.47
C LYS B 40 5.28 22.29 -9.95
N ASN B 41 6.18 22.86 -10.76
CA ASN B 41 6.03 22.91 -12.23
C ASN B 41 6.52 21.60 -12.87
N VAL B 42 7.16 20.75 -12.06
CA VAL B 42 7.73 19.48 -12.53
C VAL B 42 6.92 18.28 -12.00
N PHE B 43 6.53 18.29 -10.72
CA PHE B 43 5.65 17.25 -10.11
C PHE B 43 4.21 17.40 -10.56
N ASN B 44 3.46 16.30 -10.47
CA ASN B 44 2.06 16.26 -10.86
C ASN B 44 1.20 16.76 -9.72
N MET B 45 0.45 17.83 -9.89
CA MET B 45 -0.29 18.37 -8.76
C MET B 45 -1.59 17.66 -8.56
N ALA B 46 -2.07 16.93 -9.56
CA ALA B 46 -3.24 16.07 -9.34
C ALA B 46 -2.95 14.87 -8.37
N HIS B 47 -1.76 14.26 -8.45
CA HIS B 47 -1.40 13.08 -7.65
C HIS B 47 -1.09 13.50 -6.22
N GLN B 48 -0.58 14.72 -6.10
CA GLN B 48 -0.54 15.52 -4.86
C GLN B 48 -1.87 15.51 -4.02
N GLU B 49 -2.88 14.77 -4.49
CA GLU B 49 -4.15 14.58 -3.79
C GLU B 49 -4.71 13.26 -4.36
N GLN B 50 -5.10 12.34 -3.49
CA GLN B 50 -5.35 10.95 -3.91
C GLN B 50 -4.40 10.08 -3.09
N GLY B 51 -4.88 8.89 -2.71
CA GLY B 51 -4.09 7.84 -2.02
C GLY B 51 -2.66 8.19 -1.62
N GLN B 52 -1.65 7.77 -2.39
CA GLN B 52 -1.72 6.90 -3.58
C GLN B 52 -0.32 6.82 -4.18
N GLN B 53 0.36 7.96 -4.19
CA GLN B 53 1.81 8.03 -4.22
C GLN B 53 2.34 7.25 -3.02
N GLN B 54 1.50 7.12 -1.99
CA GLN B 54 1.83 6.28 -0.82
C GLN B 54 1.90 4.79 -1.17
N GLN B 55 1.04 4.33 -2.05
CA GLN B 55 1.16 2.99 -2.64
C GLN B 55 2.50 2.80 -3.34
N ALA B 56 2.90 3.81 -4.15
CA ALA B 56 4.12 3.72 -4.92
C ALA B 56 5.32 3.76 -4.01
N LEU B 57 5.30 4.63 -3.00
CA LEU B 57 6.39 4.67 -2.01
C LEU B 57 6.62 3.30 -1.37
N ALA B 58 5.53 2.71 -0.88
CA ALA B 58 5.58 1.45 -0.19
C ALA B 58 6.19 0.47 -1.16
N ARG B 59 5.77 0.51 -2.42
CA ARG B 59 6.27 -0.48 -3.38
C ARG B 59 7.74 -0.26 -3.70
N ALA B 60 8.15 1.00 -3.85
CA ALA B 60 9.56 1.37 -4.05
C ALA B 60 10.49 0.89 -2.94
N VAL B 61 10.24 1.33 -1.70
CA VAL B 61 11.03 0.87 -0.58
C VAL B 61 11.07 -0.66 -0.50
N TYR B 62 9.94 -1.35 -0.67
CA TYR B 62 9.90 -2.81 -0.52
C TYR B 62 10.67 -3.47 -1.67
N ALA B 63 10.52 -2.94 -2.86
CA ALA B 63 11.28 -3.44 -4.01
C ALA B 63 12.77 -3.08 -3.97
N TYR B 64 13.08 -1.92 -3.44
CA TYR B 64 14.44 -1.59 -3.22
C TYR B 64 15.08 -2.59 -2.24
N ALA B 65 14.40 -2.84 -1.11
CA ALA B 65 14.93 -3.65 -0.02
C ALA B 65 15.15 -5.08 -0.46
N GLU B 66 14.14 -5.66 -1.08
CA GLU B 66 14.23 -7.07 -1.41
C GLU B 66 15.25 -7.31 -2.54
N ASN B 67 15.65 -6.24 -3.21
CA ASN B 67 16.63 -6.27 -4.30
C ASN B 67 17.99 -5.56 -4.08
N ILE B 68 18.21 -5.04 -2.88
CA ILE B 68 19.42 -4.33 -2.57
C ILE B 68 20.72 -5.16 -2.71
N GLU B 69 20.63 -6.50 -2.62
CA GLU B 69 21.76 -7.45 -2.77
C GLU B 69 21.94 -7.92 -4.21
N ASP B 70 21.11 -7.44 -5.12
CA ASP B 70 21.09 -7.94 -6.48
C ASP B 70 21.21 -6.76 -7.43
N PRO B 71 22.45 -6.31 -7.67
CA PRO B 71 22.69 -5.08 -8.45
C PRO B 71 22.14 -5.10 -9.86
N ASN B 72 22.05 -6.27 -10.47
CA ASN B 72 21.44 -6.40 -11.79
C ASN B 72 19.97 -6.11 -11.82
N SER B 73 19.21 -6.72 -10.90
CA SER B 73 17.78 -6.40 -10.75
C SER B 73 17.62 -4.89 -10.49
N LEU B 74 18.43 -4.36 -9.60
CA LEU B 74 18.39 -2.95 -9.24
C LEU B 74 18.64 -2.07 -10.48
N MET B 75 19.69 -2.36 -11.25
CA MET B 75 19.99 -1.55 -12.46
C MET B 75 18.81 -1.50 -13.42
N ALA B 76 18.15 -2.64 -13.68
CA ALA B 76 16.97 -2.65 -14.59
C ALA B 76 15.83 -1.70 -14.18
N VAL B 77 15.48 -1.66 -12.89
CA VAL B 77 14.35 -0.80 -12.48
C VAL B 77 14.76 0.64 -12.51
N LEU B 78 16.01 0.87 -12.12
CA LEU B 78 16.60 2.19 -12.21
C LEU B 78 16.56 2.76 -13.66
N LYS B 79 16.70 1.90 -14.68
CA LYS B 79 16.58 2.35 -16.06
C LYS B 79 15.18 2.91 -16.34
N ASN B 80 14.14 2.24 -15.86
CA ASN B 80 12.77 2.73 -16.04
C ASN B 80 12.65 4.11 -15.41
N ILE B 81 13.20 4.26 -14.21
CA ILE B 81 13.14 5.52 -13.52
C ILE B 81 13.94 6.62 -14.23
N ALA B 82 15.14 6.30 -14.69
CA ALA B 82 15.99 7.27 -15.39
C ALA B 82 15.28 7.74 -16.65
N ASN B 83 14.68 6.82 -17.40
CA ASN B 83 13.95 7.23 -18.58
C ASN B 83 12.85 8.23 -18.30
N LYS B 84 12.15 7.99 -17.19
CA LYS B 84 11.01 8.80 -16.80
C LYS B 84 11.53 10.12 -16.29
N HIS B 85 12.60 10.12 -15.50
CA HIS B 85 13.22 11.34 -15.03
C HIS B 85 13.76 12.21 -16.23
N ALA B 86 14.32 11.55 -17.23
CA ALA B 86 14.86 12.27 -18.38
C ALA B 86 13.72 12.95 -19.16
N SER B 87 12.63 12.23 -19.40
CA SER B 87 11.43 12.77 -19.97
C SER B 87 10.93 14.00 -19.24
N LEU B 88 11.02 14.01 -17.91
CA LEU B 88 10.55 15.14 -17.10
C LEU B 88 11.59 16.25 -17.07
N GLY B 89 12.85 15.95 -17.45
CA GLY B 89 13.91 16.97 -17.42
C GLY B 89 14.54 17.13 -16.04
N VAL B 90 14.61 16.01 -15.27
CA VAL B 90 15.22 16.03 -13.94
C VAL B 90 16.73 16.36 -14.06
N LYS B 91 17.19 17.25 -13.17
CA LYS B 91 18.54 17.77 -13.27
C LYS B 91 19.38 17.28 -12.09
N PRO B 92 20.68 17.04 -12.33
CA PRO B 92 21.55 16.61 -11.26
C PRO B 92 21.49 17.54 -10.05
N GLU B 93 21.32 18.83 -10.27
CA GLU B 93 21.37 19.78 -9.13
C GLU B 93 20.12 19.64 -8.24
N GLN B 94 19.10 18.97 -8.76
CA GLN B 94 17.91 18.72 -7.93
C GLN B 94 18.05 17.53 -6.90
N TYR B 95 19.01 16.61 -7.09
CA TYR B 95 19.11 15.46 -6.18
C TYR B 95 19.34 15.87 -4.70
N PRO B 96 20.25 16.83 -4.42
CA PRO B 96 20.42 17.24 -3.03
C PRO B 96 19.17 17.86 -2.39
N ILE B 97 18.37 18.52 -3.20
CA ILE B 97 17.14 19.13 -2.71
C ILE B 97 16.21 18.01 -2.28
N VAL B 98 15.88 17.14 -3.22
CA VAL B 98 15.02 16.04 -2.92
C VAL B 98 15.57 15.23 -1.73
N GLY B 99 16.87 15.00 -1.69
CA GLY B 99 17.45 14.21 -0.60
C GLY B 99 17.30 14.82 0.78
N GLU B 100 17.58 16.11 0.87
CA GLU B 100 17.42 16.76 2.16
C GLU B 100 15.98 16.67 2.71
N HIS B 101 14.99 16.96 1.84
CA HIS B 101 13.62 17.08 2.33
C HIS B 101 13.05 15.70 2.59
N LEU B 102 13.44 14.71 1.78
CA LEU B 102 13.04 13.34 2.03
C LEU B 102 13.54 12.87 3.44
N LEU B 103 14.83 13.07 3.72
CA LEU B 103 15.37 12.74 5.01
C LEU B 103 14.74 13.57 6.13
N ALA B 104 14.50 14.86 5.91
CA ALA B 104 13.89 15.67 6.98
C ALA B 104 12.49 15.11 7.27
N ALA B 105 11.78 14.67 6.23
CA ALA B 105 10.44 14.12 6.38
C ALA B 105 10.46 12.79 7.16
N ILE B 106 11.37 11.89 6.78
CA ILE B 106 11.52 10.64 7.51
C ILE B 106 11.81 10.95 8.99
N LYS B 107 12.73 11.86 9.24
CA LYS B 107 13.05 12.28 10.60
C LYS B 107 11.82 12.76 11.36
N GLU B 108 11.02 13.63 10.72
CA GLU B 108 9.87 14.24 11.40
C GLU B 108 8.83 13.18 11.69
N VAL B 109 8.58 12.31 10.73
CA VAL B 109 7.49 11.38 10.86
C VAL B 109 7.85 10.32 11.90
N LEU B 110 9.08 9.83 11.84
CA LEU B 110 9.51 8.79 12.74
C LEU B 110 9.76 9.33 14.14
N GLY B 111 9.91 10.64 14.31
CA GLY B 111 10.04 11.22 15.67
C GLY B 111 11.20 10.62 16.46
N ASN B 112 10.91 10.15 17.65
CA ASN B 112 11.88 9.46 18.51
C ASN B 112 12.54 8.24 17.92
N ALA B 113 11.88 7.60 16.98
CA ALA B 113 12.35 6.35 16.47
C ALA B 113 13.31 6.62 15.30
N ALA B 114 13.54 7.88 14.96
CA ALA B 114 14.41 8.23 13.79
C ALA B 114 15.83 8.23 14.29
N THR B 115 16.33 7.04 14.60
CA THR B 115 17.64 6.94 15.18
C THR B 115 18.71 7.25 14.12
N ASP B 116 19.88 7.64 14.59
CA ASP B 116 21.01 7.89 13.73
C ASP B 116 21.27 6.73 12.77
N ASP B 117 21.23 5.48 13.22
CA ASP B 117 21.55 4.36 12.35
C ASP B 117 20.60 4.37 11.16
N ILE B 118 19.31 4.60 11.39
CA ILE B 118 18.32 4.50 10.32
C ILE B 118 18.44 5.66 9.36
N ILE B 119 18.55 6.86 9.91
CA ILE B 119 18.60 8.00 9.03
C ILE B 119 19.85 7.92 8.15
N SER B 120 20.97 7.54 8.78
CA SER B 120 22.24 7.41 8.08
C SER B 120 22.17 6.34 6.98
N ALA B 121 21.55 5.19 7.24
CA ALA B 121 21.46 4.12 6.26
C ALA B 121 20.70 4.63 5.02
N TRP B 122 19.56 5.28 5.24
CA TRP B 122 18.72 5.71 4.13
C TRP B 122 19.39 6.86 3.43
N ALA B 123 20.13 7.69 4.16
CA ALA B 123 20.80 8.83 3.54
C ALA B 123 21.85 8.29 2.57
N GLN B 124 22.48 7.17 2.93
CA GLN B 124 23.47 6.54 2.09
C GLN B 124 22.85 5.89 0.90
N ALA B 125 21.77 5.11 1.15
CA ALA B 125 20.98 4.57 0.02
C ALA B 125 20.61 5.67 -0.95
N TYR B 126 20.06 6.76 -0.45
CA TYR B 126 19.67 7.85 -1.30
C TYR B 126 20.88 8.31 -2.18
N GLY B 127 22.03 8.57 -1.56
CA GLY B 127 23.21 9.02 -2.32
C GLY B 127 23.76 8.00 -3.33
N ASN B 128 23.71 6.71 -2.99
CA ASN B 128 24.03 5.65 -3.92
C ASN B 128 23.09 5.69 -5.13
N LEU B 129 21.78 5.73 -4.89
CA LEU B 129 20.84 5.71 -6.00
C LEU B 129 20.97 6.98 -6.84
N ALA B 130 21.14 8.12 -6.16
CA ALA B 130 21.22 9.40 -6.86
C ALA B 130 22.37 9.33 -7.86
N ASP B 131 23.50 8.77 -7.44
CA ASP B 131 24.65 8.76 -8.31
C ASP B 131 24.34 7.87 -9.51
N VAL B 132 23.73 6.71 -9.27
CA VAL B 132 23.47 5.82 -10.40
C VAL B 132 22.55 6.54 -11.38
N LEU B 133 21.51 7.19 -10.84
CA LEU B 133 20.48 7.78 -11.68
C LEU B 133 20.96 9.00 -12.47
N MET B 134 21.71 9.89 -11.80
CA MET B 134 22.25 11.08 -12.48
C MET B 134 23.08 10.68 -13.71
N GLY B 135 23.94 9.70 -13.56
CA GLY B 135 24.77 9.21 -14.67
C GLY B 135 23.96 8.54 -15.76
N MET B 136 22.90 7.79 -15.39
CA MET B 136 22.04 7.17 -16.44
C MET B 136 21.33 8.25 -17.22
N GLU B 137 20.89 9.25 -16.47
CA GLU B 137 20.08 10.33 -17.02
C GLU B 137 20.98 11.18 -17.93
N SER B 138 22.21 11.41 -17.48
CA SER B 138 23.14 12.20 -18.21
C SER B 138 23.43 11.50 -19.56
N GLU B 139 23.66 10.19 -19.51
CA GLU B 139 23.91 9.43 -20.72
C GLU B 139 22.70 9.55 -21.67
N LEU B 140 21.49 9.52 -21.11
CA LEU B 140 20.29 9.54 -21.92
C LEU B 140 20.16 10.90 -22.60
N TYR B 141 20.47 11.96 -21.85
CA TYR B 141 20.38 13.32 -22.37
C TYR B 141 21.37 13.52 -23.50
N GLU B 142 22.58 13.02 -23.31
CA GLU B 142 23.65 13.16 -24.30
C GLU B 142 23.35 12.37 -25.54
N ARG B 143 22.86 11.15 -25.39
CA ARG B 143 22.53 10.34 -26.58
C ARG B 143 21.46 11.02 -27.40
N SER B 144 20.45 11.60 -26.72
CA SER B 144 19.41 12.31 -27.44
C SER B 144 19.98 13.52 -28.11
N ALA B 145 20.79 14.30 -27.41
CA ALA B 145 21.27 15.57 -27.97
C ALA B 145 22.12 15.36 -29.24
N GLU B 146 22.81 14.23 -29.30
CA GLU B 146 23.78 13.99 -30.34
C GLU B 146 23.19 13.35 -31.58
N GLN B 147 21.98 12.84 -31.49
CA GLN B 147 21.38 12.19 -32.65
C GLN B 147 20.76 13.21 -33.61
N PRO B 148 20.64 12.84 -34.91
CA PRO B 148 19.96 13.77 -35.83
C PRO B 148 18.55 14.07 -35.34
N GLY B 149 18.26 15.36 -35.22
CA GLY B 149 16.96 15.89 -34.82
C GLY B 149 16.73 15.82 -33.33
N GLY B 150 17.80 15.54 -32.58
CA GLY B 150 17.66 15.31 -31.14
C GLY B 150 17.86 16.58 -30.36
N TRP B 151 17.47 16.59 -29.10
CA TRP B 151 17.69 17.81 -28.28
C TRP B 151 17.72 17.50 -26.78
N LYS B 152 18.09 18.50 -25.99
CA LYS B 152 17.96 18.42 -24.53
C LYS B 152 16.86 19.39 -24.12
N GLY B 153 16.18 19.10 -23.00
CA GLY B 153 15.17 20.00 -22.46
C GLY B 153 13.92 20.00 -23.34
N TRP B 154 13.23 21.14 -23.37
CA TRP B 154 11.98 21.34 -24.14
C TRP B 154 12.25 21.83 -25.55
N ARG B 155 11.51 21.29 -26.50
CA ARG B 155 11.59 21.80 -27.85
C ARG B 155 10.18 22.19 -28.24
N THR B 156 10.01 23.40 -28.74
CA THR B 156 8.72 23.89 -29.15
C THR B 156 8.20 23.13 -30.37
N PHE B 157 7.01 22.56 -30.21
CA PHE B 157 6.27 21.99 -31.33
C PHE B 157 4.97 22.78 -31.65
N VAL B 158 4.49 22.62 -32.87
CA VAL B 158 3.20 23.20 -33.28
C VAL B 158 2.29 22.10 -33.75
N ILE B 159 1.02 22.19 -33.34
CA ILE B 159 0.01 21.21 -33.71
C ILE B 159 -0.35 21.41 -35.14
N ARG B 160 -0.06 20.42 -36.00
CA ARG B 160 -0.39 20.54 -37.42
C ARG B 160 -1.78 19.99 -37.75
N GLU B 161 -2.16 18.91 -37.06
CA GLU B 161 -3.47 18.28 -37.22
C GLU B 161 -3.97 17.84 -35.86
N LYS B 162 -5.29 17.77 -35.74
CA LYS B 162 -5.90 17.36 -34.52
C LYS B 162 -7.13 16.61 -34.96
N ARG B 163 -7.04 15.29 -34.88
CA ARG B 163 -8.06 14.41 -35.43
C ARG B 163 -8.68 13.57 -34.32
N PRO B 164 -10.00 13.72 -34.11
CA PRO B 164 -10.78 12.88 -33.17
C PRO B 164 -10.82 11.45 -33.63
N GLU B 165 -10.59 10.51 -32.72
CA GLU B 165 -10.48 9.08 -33.08
C GLU B 165 -11.73 8.40 -32.54
N SER B 166 -12.33 9.01 -31.51
CA SER B 166 -13.56 8.53 -30.89
C SER B 166 -14.11 9.70 -30.07
N ASP B 167 -15.18 9.45 -29.35
CA ASP B 167 -15.72 10.48 -28.50
C ASP B 167 -14.70 10.94 -27.44
N VAL B 168 -13.71 10.12 -27.09
CA VAL B 168 -12.81 10.55 -25.99
C VAL B 168 -11.37 10.64 -26.37
N ILE B 169 -10.97 10.03 -27.48
CA ILE B 169 -9.57 10.10 -27.86
C ILE B 169 -9.38 11.00 -29.08
N THR B 170 -8.38 11.90 -29.02
CA THR B 170 -8.05 12.74 -30.16
C THR B 170 -6.58 12.69 -30.42
N SER B 171 -6.22 12.58 -31.69
CA SER B 171 -4.80 12.56 -32.09
C SER B 171 -4.26 13.94 -32.45
N PHE B 172 -3.04 14.21 -32.03
CA PHE B 172 -2.39 15.47 -32.33
C PHE B 172 -1.17 15.09 -33.12
N ILE B 173 -1.03 15.69 -34.29
CA ILE B 173 0.18 15.53 -35.07
C ILE B 173 1.02 16.78 -34.88
N LEU B 174 2.32 16.60 -34.62
CA LEU B 174 3.14 17.67 -34.09
C LEU B 174 4.43 17.74 -34.86
N GLU B 175 4.74 18.95 -35.32
CA GLU B 175 5.97 19.29 -36.01
C GLU B 175 6.67 20.35 -35.19
N PRO B 176 8.02 20.40 -35.27
CA PRO B 176 8.75 21.40 -34.47
C PRO B 176 8.61 22.81 -35.09
N ALA B 177 8.37 23.83 -34.26
CA ALA B 177 8.33 25.22 -34.70
C ALA B 177 9.52 25.58 -35.56
N ASP B 178 10.70 25.01 -35.30
CA ASP B 178 11.91 25.40 -36.05
C ASP B 178 11.98 24.74 -37.42
N GLY B 179 11.05 23.85 -37.74
CA GLY B 179 11.03 23.17 -39.03
C GLY B 179 12.14 22.15 -39.31
N GLY B 180 12.99 21.87 -38.32
CA GLY B 180 14.09 20.90 -38.50
C GLY B 180 13.62 19.46 -38.27
N PRO B 181 14.53 18.49 -38.48
CA PRO B 181 14.27 17.06 -38.22
C PRO B 181 13.94 16.75 -36.77
N VAL B 182 13.33 15.59 -36.55
CA VAL B 182 13.03 15.12 -35.19
C VAL B 182 13.65 13.75 -34.99
N VAL B 183 14.29 13.58 -33.86
CA VAL B 183 14.94 12.32 -33.55
C VAL B 183 14.01 11.12 -33.65
N ASN B 184 14.60 10.03 -34.11
CA ASN B 184 13.99 8.72 -34.14
C ASN B 184 13.63 8.25 -32.71
N PHE B 185 12.75 7.26 -32.63
CA PHE B 185 12.49 6.61 -31.37
C PHE B 185 12.16 5.14 -31.61
N GLU B 186 12.24 4.33 -30.55
CA GLU B 186 11.78 2.94 -30.64
C GLU B 186 10.26 2.90 -30.43
N PRO B 187 9.53 2.12 -31.24
CA PRO B 187 8.08 2.10 -31.10
C PRO B 187 7.69 1.55 -29.75
N GLY B 188 6.83 2.30 -29.04
CA GLY B 188 6.55 2.00 -27.65
C GLY B 188 7.03 3.10 -26.70
N GLN B 189 7.98 3.92 -27.15
CA GLN B 189 8.49 5.00 -26.32
C GLN B 189 7.49 6.11 -26.25
N TYR B 190 7.74 7.08 -25.37
CA TYR B 190 6.86 8.23 -25.19
C TYR B 190 7.57 9.58 -25.22
N THR B 191 6.82 10.66 -25.40
CA THR B 191 7.33 12.02 -25.18
C THR B 191 6.67 12.52 -23.89
N SER B 192 7.01 13.73 -23.46
CA SER B 192 6.32 14.42 -22.40
C SER B 192 5.88 15.76 -23.01
N VAL B 193 4.64 16.13 -22.69
CA VAL B 193 4.11 17.46 -23.00
C VAL B 193 4.20 18.32 -21.73
N ALA B 194 4.82 19.49 -21.84
CA ALA B 194 4.88 20.38 -20.72
C ALA B 194 4.05 21.55 -21.22
N ILE B 195 3.06 21.97 -20.44
CA ILE B 195 2.18 23.03 -20.83
C ILE B 195 1.72 23.79 -19.57
N ASP B 196 1.45 25.09 -19.69
CA ASP B 196 0.89 25.88 -18.59
C ASP B 196 -0.59 25.56 -18.33
N VAL B 197 -0.95 25.41 -17.07
CA VAL B 197 -2.32 25.13 -16.67
C VAL B 197 -2.88 26.34 -15.93
N PRO B 198 -3.72 27.16 -16.64
CA PRO B 198 -4.15 28.41 -15.98
C PRO B 198 -4.93 28.18 -14.70
N ALA B 199 -5.70 27.09 -14.61
CA ALA B 199 -6.41 26.73 -13.34
C ALA B 199 -5.45 26.55 -12.17
N LEU B 200 -4.25 26.10 -12.46
CA LEU B 200 -3.26 25.86 -11.41
C LEU B 200 -2.30 27.03 -11.27
N GLY B 201 -2.13 27.84 -12.32
CA GLY B 201 -1.07 28.87 -12.32
C GLY B 201 0.33 28.20 -12.38
N LEU B 202 0.46 27.00 -12.97
CA LEU B 202 1.72 26.25 -12.98
C LEU B 202 1.82 25.52 -14.28
N GLN B 203 3.04 25.21 -14.66
CA GLN B 203 3.24 24.23 -15.72
C GLN B 203 2.88 22.85 -15.17
N GLN B 204 2.33 22.00 -16.03
CA GLN B 204 2.30 20.54 -15.73
C GLN B 204 2.86 19.80 -16.94
N ILE B 205 3.31 18.57 -16.68
CA ILE B 205 4.01 17.73 -17.63
C ILE B 205 3.35 16.39 -17.54
N ARG B 206 3.07 15.81 -18.71
CA ARG B 206 2.44 14.49 -18.80
C ARG B 206 3.11 13.78 -19.98
N GLN B 207 3.30 12.47 -19.81
CA GLN B 207 3.77 11.59 -20.86
C GLN B 207 2.67 11.11 -21.81
N TYR B 208 3.03 10.99 -23.06
CA TYR B 208 2.15 10.47 -24.08
C TYR B 208 2.92 9.52 -24.97
N SER B 209 2.52 8.25 -25.06
CA SER B 209 3.09 7.33 -26.08
C SER B 209 3.18 7.92 -27.51
N LEU B 210 4.29 7.68 -28.21
CA LEU B 210 4.35 8.13 -29.60
C LEU B 210 3.56 7.16 -30.43
N SER B 211 2.40 7.61 -30.90
CA SER B 211 1.41 6.67 -31.42
C SER B 211 1.56 6.40 -32.89
N ASP B 212 2.61 6.93 -33.51
CA ASP B 212 2.81 6.63 -34.94
C ASP B 212 4.20 6.09 -35.08
N MET B 213 4.57 5.62 -36.27
CA MET B 213 5.94 5.18 -36.57
C MET B 213 6.84 6.40 -36.74
N PRO B 214 8.17 6.27 -36.48
CA PRO B 214 9.16 7.35 -36.70
C PRO B 214 9.19 7.76 -38.17
N ASN B 215 9.36 9.05 -38.45
CA ASN B 215 9.43 9.50 -39.85
C ASN B 215 10.38 10.68 -40.10
N GLY B 216 11.08 11.06 -39.08
CA GLY B 216 12.03 12.18 -39.17
C GLY B 216 11.45 13.60 -39.17
N ARG B 217 10.12 13.74 -39.30
CA ARG B 217 9.50 15.05 -39.48
CA ARG B 217 9.46 15.05 -39.51
C ARG B 217 8.48 15.41 -38.39
N SER B 218 7.73 14.42 -37.90
CA SER B 218 6.64 14.71 -36.99
C SER B 218 6.39 13.58 -36.01
N TYR B 219 5.66 13.90 -34.96
CA TYR B 219 5.28 12.94 -33.92
C TYR B 219 3.77 12.98 -33.82
N ARG B 220 3.19 11.89 -33.37
CA ARG B 220 1.77 11.84 -33.15
C ARG B 220 1.51 11.28 -31.77
N ILE B 221 0.60 11.94 -31.03
CA ILE B 221 0.13 11.41 -29.76
C ILE B 221 -1.41 11.28 -29.82
N SER B 222 -1.96 10.34 -29.03
CA SER B 222 -3.37 10.13 -28.97
C SER B 222 -3.85 10.22 -27.53
N VAL B 223 -4.59 11.28 -27.23
CA VAL B 223 -4.84 11.71 -25.86
C VAL B 223 -6.29 11.38 -25.55
N LYS B 224 -6.49 10.56 -24.53
CA LYS B 224 -7.80 10.31 -24.04
C LYS B 224 -8.15 11.46 -23.10
N ARG B 225 -9.28 12.11 -23.34
CA ARG B 225 -9.85 13.05 -22.40
C ARG B 225 -10.25 12.37 -21.11
N GLU B 226 -9.70 12.84 -20.01
CA GLU B 226 -9.96 12.26 -18.70
C GLU B 226 -10.98 13.02 -17.88
N GLY B 227 -12.04 12.27 -17.54
CA GLY B 227 -12.73 12.43 -16.27
C GLY B 227 -13.89 13.36 -16.34
N GLY B 228 -14.48 13.58 -15.17
CA GLY B 228 -15.89 13.89 -15.11
C GLY B 228 -16.47 12.77 -14.28
N GLY B 229 -16.89 11.69 -14.95
CA GLY B 229 -17.41 10.51 -14.23
C GLY B 229 -17.88 10.88 -12.83
N PRO B 230 -17.24 10.31 -11.79
CA PRO B 230 -17.38 10.69 -10.38
C PRO B 230 -16.25 11.55 -9.82
N GLN B 231 -15.13 11.58 -10.52
CA GLN B 231 -13.94 12.27 -10.04
C GLN B 231 -13.51 13.45 -10.94
N PRO B 232 -12.66 14.34 -10.42
CA PRO B 232 -12.29 15.54 -11.16
C PRO B 232 -11.83 15.31 -12.62
N PRO B 233 -12.21 16.21 -13.50
CA PRO B 233 -11.54 16.05 -14.81
C PRO B 233 -10.01 16.29 -14.73
N GLY B 234 -9.26 15.66 -15.62
CA GLY B 234 -7.82 15.80 -15.66
C GLY B 234 -7.39 17.15 -16.21
N TYR B 235 -6.25 17.66 -15.76
CA TYR B 235 -5.89 19.00 -16.15
C TYR B 235 -5.44 19.05 -17.59
N VAL B 236 -4.43 18.26 -17.92
CA VAL B 236 -3.73 18.45 -19.20
C VAL B 236 -4.52 17.84 -20.37
N SER B 237 -5.17 16.70 -20.15
CA SER B 237 -5.90 16.08 -21.26
C SER B 237 -7.09 16.99 -21.71
N ASN B 238 -7.86 17.54 -20.78
CA ASN B 238 -8.92 18.45 -21.15
C ASN B 238 -8.39 19.69 -21.76
N LEU B 239 -7.29 20.16 -21.25
CA LEU B 239 -6.68 21.35 -21.83
C LEU B 239 -6.22 21.12 -23.25
N LEU B 240 -5.59 19.98 -23.52
CA LEU B 240 -5.19 19.67 -24.88
C LEU B 240 -6.41 19.53 -25.80
N HIS B 241 -7.42 18.82 -25.31
CA HIS B 241 -8.59 18.61 -26.12
C HIS B 241 -9.23 19.98 -26.48
N ASP B 242 -9.32 20.90 -25.53
CA ASP B 242 -10.25 22.04 -25.71
C ASP B 242 -9.53 23.33 -26.05
N HIS B 243 -8.25 23.42 -25.68
CA HIS B 243 -7.56 24.70 -25.86
C HIS B 243 -6.27 24.66 -26.65
N VAL B 244 -5.82 23.47 -27.03
CA VAL B 244 -4.66 23.39 -27.90
C VAL B 244 -5.12 22.93 -29.25
N ASN B 245 -5.15 23.88 -30.19
CA ASN B 245 -5.70 23.67 -31.54
C ASN B 245 -4.65 23.77 -32.60
N VAL B 246 -5.02 23.44 -33.83
CA VAL B 246 -4.12 23.52 -34.95
C VAL B 246 -3.44 24.90 -34.92
N GLY B 247 -2.12 24.93 -35.07
CA GLY B 247 -1.38 26.20 -35.06
C GLY B 247 -0.89 26.64 -33.68
N ASP B 248 -1.42 26.08 -32.59
CA ASP B 248 -0.90 26.39 -31.26
C ASP B 248 0.42 25.67 -31.02
N GLN B 249 1.14 26.12 -30.00
CA GLN B 249 2.42 25.49 -29.65
C GLN B 249 2.40 24.73 -28.29
N VAL B 250 3.16 23.62 -28.21
CA VAL B 250 3.42 22.97 -26.91
C VAL B 250 4.88 22.62 -26.84
N LYS B 251 5.38 22.47 -25.63
CA LYS B 251 6.75 22.00 -25.42
C LYS B 251 6.77 20.48 -25.30
N LEU B 252 7.69 19.83 -26.05
CA LEU B 252 7.90 18.38 -25.96
C LEU B 252 9.32 17.97 -25.54
N ALA B 253 9.38 16.90 -24.75
CA ALA B 253 10.63 16.22 -24.46
C ALA B 253 11.04 15.26 -25.58
N ALA B 254 12.33 15.00 -25.69
CA ALA B 254 12.81 14.00 -26.61
C ALA B 254 12.24 12.64 -26.14
N PRO B 255 12.12 11.66 -27.04
CA PRO B 255 11.50 10.37 -26.68
C PRO B 255 12.27 9.61 -25.60
N TYR B 256 11.59 9.03 -24.61
CA TYR B 256 12.26 8.12 -23.69
C TYR B 256 11.36 6.95 -23.44
N GLY B 257 11.83 5.99 -22.63
CA GLY B 257 11.04 4.82 -22.32
C GLY B 257 11.79 3.52 -22.57
N SER B 258 11.54 2.57 -21.68
CA SER B 258 12.17 1.27 -21.78
C SER B 258 11.15 0.22 -22.16
N PHE B 259 9.93 0.66 -22.45
CA PHE B 259 8.91 -0.24 -22.97
C PHE B 259 8.84 -0.09 -24.49
N HIS B 260 9.42 -1.06 -25.18
CA HIS B 260 9.41 -1.02 -26.64
C HIS B 260 9.83 -2.34 -27.26
N ILE B 261 9.35 -2.57 -28.48
CA ILE B 261 9.79 -3.71 -29.26
C ILE B 261 11.27 -3.57 -29.62
N ASP B 262 11.93 -4.71 -29.80
CA ASP B 262 13.23 -4.74 -30.45
C ASP B 262 12.94 -4.72 -31.95
N VAL B 263 13.22 -3.59 -32.63
CA VAL B 263 12.93 -3.46 -34.06
C VAL B 263 13.72 -4.45 -34.95
N ASP B 264 14.90 -4.89 -34.47
CA ASP B 264 15.79 -5.81 -35.21
C ASP B 264 15.45 -7.30 -35.05
N ALA B 265 14.44 -7.61 -34.23
CA ALA B 265 14.04 -8.99 -33.94
C ALA B 265 13.12 -9.57 -35.03
N LYS B 266 13.38 -10.82 -35.41
CA LYS B 266 12.54 -11.55 -36.37
C LYS B 266 11.25 -11.99 -35.70
N THR B 267 11.36 -12.26 -34.39
CA THR B 267 10.39 -13.03 -33.62
C THR B 267 8.99 -12.37 -33.46
N PRO B 268 7.92 -13.20 -33.27
CA PRO B 268 6.55 -12.64 -33.18
C PRO B 268 6.29 -11.68 -32.00
N ILE B 269 5.29 -10.81 -32.19
CA ILE B 269 4.83 -9.87 -31.16
C ILE B 269 3.30 -9.94 -30.97
N VAL B 270 2.88 -10.01 -29.70
CA VAL B 270 1.49 -10.03 -29.34
C VAL B 270 1.23 -8.74 -28.53
N LEU B 271 0.22 -7.99 -28.94
CA LEU B 271 -0.03 -6.62 -28.44
C LEU B 271 -1.40 -6.55 -27.78
N ILE B 272 -1.40 -6.49 -26.46
CA ILE B 272 -2.62 -6.62 -25.66
C ILE B 272 -2.94 -5.27 -24.98
N SER B 273 -3.97 -4.60 -25.47
CA SER B 273 -4.27 -3.24 -25.02
C SER B 273 -5.72 -3.02 -24.57
N GLY B 274 -5.89 -2.25 -23.50
CA GLY B 274 -7.20 -1.83 -23.00
C GLY B 274 -7.36 -0.32 -23.18
N GLY B 275 -8.43 0.10 -23.84
CA GLY B 275 -8.76 1.52 -24.04
C GLY B 275 -7.63 2.32 -24.69
N VAL B 276 -7.28 3.45 -24.05
CA VAL B 276 -6.18 4.30 -24.57
C VAL B 276 -4.81 3.62 -24.52
N GLY B 277 -4.74 2.48 -23.84
CA GLY B 277 -3.51 1.67 -23.81
C GLY B 277 -3.00 1.19 -25.17
N LEU B 278 -3.80 1.35 -26.24
CA LEU B 278 -3.42 0.90 -27.61
C LEU B 278 -2.36 1.78 -28.30
N THR B 279 -2.10 2.94 -27.73
CA THR B 279 -1.27 3.95 -28.36
C THR B 279 0.15 3.46 -28.66
N PRO B 280 0.88 2.88 -27.66
CA PRO B 280 2.21 2.42 -28.07
C PRO B 280 2.10 1.23 -29.05
N MET B 281 1.01 0.45 -28.94
CA MET B 281 0.80 -0.78 -29.71
C MET B 281 0.73 -0.46 -31.19
N VAL B 282 0.05 0.64 -31.53
CA VAL B 282 -0.13 1.09 -32.92
C VAL B 282 1.21 1.41 -33.56
N SER B 283 2.08 2.10 -32.83
CA SER B 283 3.42 2.38 -33.29
C SER B 283 4.15 1.06 -33.58
N MET B 284 4.02 0.12 -32.62
CA MET B 284 4.66 -1.17 -32.70
C MET B 284 4.10 -1.97 -33.86
N LEU B 285 2.77 -1.99 -33.96
CA LEU B 285 2.06 -2.58 -35.10
C LEU B 285 2.62 -2.08 -36.43
N LYS B 286 2.68 -0.74 -36.59
CA LYS B 286 3.05 -0.11 -37.89
C LYS B 286 4.52 -0.33 -38.28
N VAL B 287 5.38 -0.49 -37.28
CA VAL B 287 6.79 -0.76 -37.59
C VAL B 287 7.02 -2.25 -37.90
N ALA B 288 6.44 -3.14 -37.06
CA ALA B 288 6.49 -4.60 -37.24
C ALA B 288 5.94 -5.07 -38.59
N LEU B 289 4.88 -4.42 -39.08
CA LEU B 289 4.28 -4.76 -40.40
C LEU B 289 5.15 -4.29 -41.57
N GLN B 290 6.44 -4.06 -41.31
CA GLN B 290 7.41 -3.78 -42.36
C GLN B 290 8.28 -5.02 -42.64
N ALA B 291 7.86 -5.79 -43.64
CA ALA B 291 8.34 -7.15 -43.84
C ALA B 291 9.82 -7.25 -44.27
N PRO B 292 10.68 -7.85 -43.42
CA PRO B 292 10.51 -8.55 -42.13
C PRO B 292 9.07 -8.56 -41.51
N PRO B 293 8.24 -9.56 -41.90
CA PRO B 293 6.81 -9.76 -41.59
C PRO B 293 6.04 -8.91 -40.49
N ARG B 294 6.33 -9.00 -39.18
CA ARG B 294 7.14 -10.00 -38.51
C ARG B 294 6.23 -11.11 -38.02
N GLN B 295 4.94 -10.76 -37.92
CA GLN B 295 3.91 -11.55 -37.24
C GLN B 295 3.44 -10.78 -36.01
N VAL B 296 2.24 -10.22 -36.14
CA VAL B 296 1.63 -9.37 -35.11
C VAL B 296 0.19 -9.85 -34.85
N VAL B 297 -0.11 -10.11 -33.58
CA VAL B 297 -1.48 -10.34 -33.13
C VAL B 297 -1.87 -9.13 -32.28
N PHE B 298 -2.78 -8.32 -32.81
CA PHE B 298 -3.26 -7.10 -32.14
C PHE B 298 -4.56 -7.40 -31.38
N VAL B 299 -4.44 -7.44 -30.05
CA VAL B 299 -5.53 -7.81 -29.13
C VAL B 299 -5.98 -6.58 -28.34
N HIS B 300 -7.20 -6.13 -28.67
CA HIS B 300 -7.68 -4.87 -28.12
C HIS B 300 -9.06 -4.98 -27.46
N GLY B 301 -9.15 -4.38 -26.27
CA GLY B 301 -10.38 -4.31 -25.50
C GLY B 301 -10.79 -2.87 -25.33
N ALA B 302 -12.04 -2.59 -25.64
CA ALA B 302 -12.65 -1.27 -25.54
C ALA B 302 -14.08 -1.52 -25.09
N ARG B 303 -14.76 -0.47 -24.62
CA ARG B 303 -16.14 -0.63 -24.16
C ARG B 303 -17.08 -0.96 -25.31
N ASN B 304 -17.00 -0.16 -26.38
CA ASN B 304 -17.88 -0.26 -27.54
C ASN B 304 -17.31 0.54 -28.72
N SER B 305 -18.09 0.68 -29.80
CA SER B 305 -17.62 1.36 -31.02
C SER B 305 -17.48 2.86 -30.86
N ALA B 306 -18.15 3.42 -29.85
CA ALA B 306 -18.14 4.86 -29.62
C ALA B 306 -16.86 5.33 -28.93
N VAL B 307 -16.20 4.42 -28.21
CA VAL B 307 -14.93 4.76 -27.55
C VAL B 307 -13.67 4.12 -28.16
N HIS B 308 -13.86 3.07 -28.98
CA HIS B 308 -12.80 2.37 -29.73
C HIS B 308 -12.03 3.30 -30.70
N ALA B 309 -10.79 3.59 -30.37
CA ALA B 309 -9.95 4.44 -31.22
C ALA B 309 -9.39 3.69 -32.43
N MET B 310 -9.38 4.37 -33.58
CA MET B 310 -8.73 3.90 -34.80
C MET B 310 -9.35 2.60 -35.29
N ARG B 311 -10.67 2.50 -35.07
CA ARG B 311 -11.45 1.31 -35.41
C ARG B 311 -11.25 0.96 -36.88
N ASP B 312 -11.55 1.90 -37.76
CA ASP B 312 -11.51 1.61 -39.19
C ASP B 312 -10.12 1.25 -39.73
N ARG B 313 -9.10 2.00 -39.31
CA ARG B 313 -7.73 1.75 -39.79
C ARG B 313 -7.19 0.39 -39.37
N LEU B 314 -7.55 -0.05 -38.16
CA LEU B 314 -7.14 -1.36 -37.67
C LEU B 314 -7.74 -2.55 -38.44
N ARG B 315 -9.05 -2.51 -38.74
CA ARG B 315 -9.67 -3.60 -39.54
C ARG B 315 -9.21 -3.61 -40.99
N GLU B 316 -9.00 -2.43 -41.55
CA GLU B 316 -8.45 -2.30 -42.89
C GLU B 316 -7.03 -2.89 -42.98
N ALA B 317 -6.24 -2.72 -41.93
CA ALA B 317 -4.91 -3.31 -41.86
C ALA B 317 -4.97 -4.85 -41.84
N ALA B 318 -5.92 -5.39 -41.08
CA ALA B 318 -6.12 -6.85 -40.95
C ALA B 318 -6.61 -7.54 -42.22
N LYS B 319 -7.27 -6.78 -43.09
CA LYS B 319 -7.66 -7.24 -44.43
C LYS B 319 -6.49 -7.23 -45.41
N THR B 320 -5.53 -6.35 -45.16
CA THR B 320 -4.40 -6.10 -46.09
C THR B 320 -3.14 -6.92 -45.79
N TYR B 321 -2.88 -7.21 -44.51
CA TYR B 321 -1.68 -7.96 -44.11
C TYR B 321 -1.96 -9.39 -43.65
N GLU B 322 -1.21 -10.33 -44.23
CA GLU B 322 -1.27 -11.75 -43.85
C GLU B 322 -0.80 -12.00 -42.42
N ASN B 323 0.22 -11.25 -41.99
CA ASN B 323 0.92 -11.50 -40.73
C ASN B 323 0.27 -10.79 -39.53
N LEU B 324 -0.87 -10.16 -39.77
CA LEU B 324 -1.61 -9.52 -38.69
C LEU B 324 -2.90 -10.27 -38.33
N ASP B 325 -3.04 -10.62 -37.06
CA ASP B 325 -4.33 -11.10 -36.57
C ASP B 325 -4.89 -10.04 -35.66
N LEU B 326 -6.13 -9.64 -35.93
CA LEU B 326 -6.80 -8.65 -35.11
C LEU B 326 -7.92 -9.30 -34.30
N PHE B 327 -7.90 -9.06 -32.99
CA PHE B 327 -8.97 -9.47 -32.10
C PHE B 327 -9.44 -8.30 -31.26
N VAL B 328 -10.72 -7.97 -31.40
CA VAL B 328 -11.36 -6.86 -30.68
C VAL B 328 -12.43 -7.41 -29.75
N PHE B 329 -12.34 -7.01 -28.50
CA PHE B 329 -13.33 -7.36 -27.45
C PHE B 329 -14.12 -6.12 -27.04
N TYR B 330 -15.43 -6.18 -27.12
CA TYR B 330 -16.24 -5.09 -26.56
C TYR B 330 -16.85 -5.51 -25.24
N ASP B 331 -16.55 -4.74 -24.18
CA ASP B 331 -17.05 -5.03 -22.85
C ASP B 331 -18.54 -4.69 -22.67
N GLN B 332 -18.96 -3.52 -23.16
CA GLN B 332 -20.37 -3.11 -23.14
C GLN B 332 -20.80 -2.70 -24.56
N PRO B 333 -20.98 -3.67 -25.47
CA PRO B 333 -21.36 -3.34 -26.85
C PRO B 333 -22.67 -2.53 -26.96
N LEU B 334 -22.67 -1.53 -27.85
CA LEU B 334 -23.86 -0.71 -28.13
C LEU B 334 -24.87 -1.50 -28.96
N PRO B 335 -26.17 -1.10 -28.90
CA PRO B 335 -27.21 -1.78 -29.69
C PRO B 335 -26.82 -2.00 -31.16
N GLU B 336 -26.11 -1.03 -31.74
CA GLU B 336 -25.67 -1.10 -33.14
C GLU B 336 -24.33 -1.82 -33.33
N ASP B 337 -23.67 -2.22 -32.25
CA ASP B 337 -22.49 -3.10 -32.35
C ASP B 337 -22.98 -4.55 -32.40
N VAL B 338 -22.57 -5.31 -33.42
CA VAL B 338 -22.91 -6.75 -33.45
C VAL B 338 -21.68 -7.67 -33.50
N GLN B 339 -21.67 -8.66 -32.61
CA GLN B 339 -20.54 -9.58 -32.49
C GLN B 339 -20.39 -10.42 -33.76
N GLY B 340 -19.13 -10.66 -34.14
CA GLY B 340 -18.81 -11.36 -35.37
C GLY B 340 -18.85 -10.44 -36.58
N ARG B 341 -19.18 -9.18 -36.35
CA ARG B 341 -19.32 -8.22 -37.43
C ARG B 341 -18.48 -6.97 -37.17
N ASP B 342 -18.72 -6.32 -36.04
CA ASP B 342 -18.05 -5.06 -35.69
C ASP B 342 -16.96 -5.30 -34.64
N TYR B 343 -17.01 -6.48 -34.02
CA TYR B 343 -16.02 -6.91 -33.02
C TYR B 343 -16.08 -8.42 -32.91
N ASP B 344 -15.06 -9.02 -32.29
CA ASP B 344 -14.92 -10.48 -32.26
C ASP B 344 -15.55 -11.17 -31.04
N TYR B 345 -15.36 -10.61 -29.84
CA TYR B 345 -15.90 -11.22 -28.62
C TYR B 345 -16.47 -10.19 -27.67
N PRO B 346 -17.52 -10.59 -26.91
CA PRO B 346 -18.04 -9.72 -25.86
C PRO B 346 -17.21 -9.86 -24.58
N GLY B 347 -17.33 -8.88 -23.69
CA GLY B 347 -16.60 -8.89 -22.42
C GLY B 347 -15.16 -8.44 -22.56
N LEU B 348 -14.40 -8.64 -21.48
CA LEU B 348 -13.01 -8.21 -21.37
C LEU B 348 -12.10 -9.10 -22.20
N VAL B 349 -10.98 -8.56 -22.64
CA VAL B 349 -10.00 -9.37 -23.35
C VAL B 349 -9.83 -10.65 -22.56
N ASP B 350 -10.00 -11.78 -23.25
CA ASP B 350 -9.79 -13.08 -22.67
C ASP B 350 -8.93 -13.91 -23.61
N VAL B 351 -7.74 -14.21 -23.13
CA VAL B 351 -6.69 -14.82 -23.91
C VAL B 351 -6.96 -16.29 -24.25
N LYS B 352 -7.72 -16.99 -23.40
CA LYS B 352 -8.16 -18.39 -23.63
C LYS B 352 -9.06 -18.55 -24.88
N GLN B 353 -9.79 -17.49 -25.21
CA GLN B 353 -10.69 -17.46 -26.39
C GLN B 353 -9.91 -17.28 -27.71
N ILE B 354 -8.61 -17.04 -27.60
CA ILE B 354 -7.72 -16.85 -28.76
C ILE B 354 -6.36 -17.54 -28.56
N GLU B 355 -6.36 -18.57 -27.72
CA GLU B 355 -5.14 -19.26 -27.25
C GLU B 355 -4.17 -19.72 -28.36
N LYS B 356 -4.71 -20.46 -29.33
CA LYS B 356 -3.90 -20.96 -30.46
C LYS B 356 -3.35 -19.80 -31.31
N SER B 357 -4.17 -18.76 -31.45
CA SER B 357 -3.79 -17.54 -32.18
C SER B 357 -2.68 -16.71 -31.51
N ILE B 358 -2.54 -16.81 -30.19
CA ILE B 358 -1.52 -16.04 -29.47
C ILE B 358 -0.30 -16.82 -28.99
N LEU B 359 -0.42 -18.14 -28.92
CA LEU B 359 0.70 -18.97 -28.48
C LEU B 359 1.69 -19.25 -29.62
N LEU B 360 2.22 -18.18 -30.21
CA LEU B 360 3.24 -18.28 -31.24
C LEU B 360 4.57 -18.61 -30.58
N PRO B 361 5.31 -19.62 -31.09
CA PRO B 361 6.63 -19.94 -30.54
C PRO B 361 7.55 -18.73 -30.63
N ASP B 362 8.40 -18.53 -29.63
CA ASP B 362 9.32 -17.38 -29.58
C ASP B 362 8.67 -16.01 -29.32
N ALA B 363 7.38 -15.98 -29.01
CA ALA B 363 6.64 -14.69 -28.94
C ALA B 363 7.00 -13.79 -27.74
N ASP B 364 7.06 -12.49 -28.01
CA ASP B 364 7.08 -11.44 -26.99
C ASP B 364 5.66 -10.87 -26.84
N TYR B 365 5.24 -10.64 -25.60
CA TYR B 365 3.91 -10.11 -25.34
C TYR B 365 4.00 -8.72 -24.75
N TYR B 366 3.22 -7.79 -25.30
CA TYR B 366 3.23 -6.41 -24.81
C TYR B 366 1.84 -6.08 -24.28
N ILE B 367 1.80 -5.42 -23.12
CA ILE B 367 0.57 -5.15 -22.38
C ILE B 367 0.55 -3.70 -21.91
N CYS B 368 -0.54 -3.01 -22.24
CA CYS B 368 -0.78 -1.62 -21.84
C CYS B 368 -2.28 -1.34 -21.69
N GLY B 369 -2.65 -0.85 -20.49
CA GLY B 369 -4.04 -0.48 -20.19
C GLY B 369 -4.15 -0.12 -18.73
N PRO B 370 -5.38 0.05 -18.20
CA PRO B 370 -5.49 0.22 -16.73
C PRO B 370 -4.78 -0.94 -15.97
N ILE B 371 -4.33 -0.67 -14.75
CA ILE B 371 -3.62 -1.66 -13.94
C ILE B 371 -4.40 -2.96 -13.68
N PRO B 372 -5.73 -2.86 -13.40
CA PRO B 372 -6.47 -4.12 -13.19
C PRO B 372 -6.52 -4.97 -14.45
N PHE B 373 -6.74 -4.31 -15.59
CA PHE B 373 -6.66 -4.97 -16.91
C PHE B 373 -5.28 -5.59 -17.14
N MET B 374 -4.21 -4.87 -16.78
CA MET B 374 -2.84 -5.35 -16.95
C MET B 374 -2.53 -6.57 -16.09
N ARG B 375 -2.86 -6.52 -14.81
CA ARG B 375 -2.66 -7.66 -13.92
C ARG B 375 -3.43 -8.91 -14.41
N MET B 376 -4.65 -8.68 -14.90
CA MET B 376 -5.49 -9.74 -15.46
C MET B 376 -4.81 -10.42 -16.65
N GLN B 377 -4.31 -9.60 -17.59
CA GLN B 377 -3.60 -10.09 -18.77
C GLN B 377 -2.27 -10.74 -18.41
N HIS B 378 -1.55 -10.11 -17.49
CA HIS B 378 -0.31 -10.66 -16.97
C HIS B 378 -0.52 -12.08 -16.43
N ASP B 379 -1.45 -12.24 -15.48
CA ASP B 379 -1.76 -13.55 -14.86
C ASP B 379 -2.14 -14.63 -15.87
N ALA B 380 -3.02 -14.25 -16.80
CA ALA B 380 -3.51 -15.13 -17.85
C ALA B 380 -2.38 -15.70 -18.74
N LEU B 381 -1.48 -14.82 -19.19
CA LEU B 381 -0.28 -15.22 -19.95
C LEU B 381 0.65 -16.19 -19.18
N LYS B 382 0.84 -15.94 -17.89
CA LYS B 382 1.62 -16.83 -17.01
C LYS B 382 1.00 -18.22 -16.93
N ASN B 383 -0.33 -18.26 -16.83
CA ASN B 383 -1.10 -19.49 -16.76
C ASN B 383 -0.95 -20.40 -17.99
N LEU B 384 -0.67 -19.79 -19.15
CA LEU B 384 -0.39 -20.53 -20.38
C LEU B 384 1.02 -21.12 -20.42
N GLY B 385 1.91 -20.63 -19.57
CA GLY B 385 3.27 -21.16 -19.51
C GLY B 385 4.34 -20.26 -20.10
N ILE B 386 3.95 -19.04 -20.48
CA ILE B 386 4.85 -18.02 -21.01
C ILE B 386 5.78 -17.53 -19.90
N HIS B 387 7.08 -17.48 -20.18
CA HIS B 387 8.08 -16.98 -19.22
C HIS B 387 7.96 -15.45 -19.03
N GLU B 388 8.13 -15.00 -17.79
CA GLU B 388 8.02 -13.59 -17.41
C GLU B 388 8.96 -12.67 -18.21
N ALA B 389 10.10 -13.23 -18.61
CA ALA B 389 11.09 -12.55 -19.47
C ALA B 389 10.50 -12.15 -20.82
N ARG B 390 9.44 -12.87 -21.21
CA ARG B 390 8.75 -12.61 -22.48
C ARG B 390 7.49 -11.70 -22.40
N ILE B 391 7.20 -11.20 -21.19
CA ILE B 391 6.05 -10.32 -20.98
C ILE B 391 6.48 -8.90 -20.63
N HIS B 392 6.06 -7.94 -21.44
CA HIS B 392 6.42 -6.52 -21.24
C HIS B 392 5.19 -5.65 -21.02
N TYR B 393 5.39 -4.55 -20.27
CA TYR B 393 4.32 -3.61 -19.94
C TYR B 393 4.77 -2.18 -19.59
N GLU B 394 3.87 -1.23 -19.88
CA GLU B 394 4.06 0.20 -19.64
C GLU B 394 2.79 0.67 -18.97
N VAL B 395 2.94 1.42 -17.88
CA VAL B 395 1.83 1.93 -17.07
C VAL B 395 1.51 3.39 -17.45
N PHE B 396 0.23 3.72 -17.53
CA PHE B 396 -0.22 5.12 -17.73
C PHE B 396 -0.38 5.92 -16.41
N GLY B 397 0.34 5.50 -15.37
CA GLY B 397 0.43 6.22 -14.09
C GLY B 397 1.83 6.17 -13.51
N PRO B 398 2.04 5.34 -12.46
CA PRO B 398 3.36 5.02 -11.93
C PRO B 398 3.77 3.58 -12.30
N ASP B 399 4.96 3.44 -12.89
CA ASP B 399 5.45 2.14 -13.38
C ASP B 399 5.58 1.07 -12.28
N LEU B 400 5.51 1.50 -11.03
CA LEU B 400 5.53 0.60 -9.89
C LEU B 400 4.15 0.61 -9.21
N PHE B 401 3.29 -0.32 -9.64
CA PHE B 401 1.90 -0.43 -9.13
C PHE B 401 1.39 -1.88 -9.29
N ALA B 402 2.08 -2.66 -10.13
CA ALA B 402 1.72 -4.04 -10.42
C ALA B 402 2.97 -4.92 -10.60
N GLU B 403 4.12 -4.40 -10.17
CA GLU B 403 5.46 -4.98 -10.43
C GLU B 403 5.55 -6.51 -10.31
#